data_1SSH
# 
_entry.id   1SSH 
# 
_audit_conform.dict_name       mmcif_pdbx.dic 
_audit_conform.dict_version    5.380 
_audit_conform.dict_location   http://mmcif.pdb.org/dictionaries/ascii/mmcif_pdbx.dic 
# 
loop_
_database_2.database_id 
_database_2.database_code 
_database_2.pdbx_database_accession 
_database_2.pdbx_DOI 
PDB   1SSH         pdb_00001ssh 10.2210/pdb1ssh/pdb 
RCSB  RCSB021965   ?            ?                   
WWPDB D_1000021965 ?            ?                   
# 
loop_
_pdbx_database_related.db_name 
_pdbx_database_related.db_id 
_pdbx_database_related.details 
_pdbx_database_related.content_type 
PDB 1OOT . unspecified 
PDB 1RUW . unspecified 
PDB 1VA7 . unspecified 
# 
_pdbx_database_status.status_code                     REL 
_pdbx_database_status.entry_id                        1SSH 
_pdbx_database_status.recvd_initial_deposition_date   2004-03-24 
_pdbx_database_status.deposit_site                    RCSB 
_pdbx_database_status.process_site                    PDBJ 
_pdbx_database_status.status_code_sf                  REL 
_pdbx_database_status.status_code_mr                  ? 
_pdbx_database_status.SG_entry                        Y 
_pdbx_database_status.pdb_format_compatible           Y 
_pdbx_database_status.status_code_cs                  ? 
_pdbx_database_status.methods_development_category    ? 
_pdbx_database_status.status_code_nmr_data            ? 
# 
loop_
_audit_author.name 
_audit_author.pdbx_ordinal 
'Kursula, P.'  1 
'Kursula, I.'  2 
'Lehmann, F.'  3 
'Song, Y.-H.'  4 
'Wilmanns, M.' 5 
# 
_citation.id                        primary 
_citation.title                     'Yeast SH3 domain structural genomics' 
_citation.journal_abbrev            'To be Published' 
_citation.journal_volume            ? 
_citation.page_first                ? 
_citation.page_last                 ? 
_citation.year                      ? 
_citation.journal_id_ASTM           ? 
_citation.country                   ? 
_citation.journal_id_ISSN           ? 
_citation.journal_id_CSD            0353 
_citation.book_publisher            ? 
_citation.pdbx_database_id_PubMed   ? 
_citation.pdbx_database_id_DOI      ? 
# 
loop_
_citation_author.citation_id 
_citation_author.name 
_citation_author.ordinal 
_citation_author.identifier_ORCID 
primary 'Kursula, P.'  1 ? 
primary 'Kursula, I.'  2 ? 
primary 'Lehmann, F.'  3 ? 
primary 'Song, Y.-H.'  4 ? 
primary 'Wilmanns, M.' 5 ? 
# 
_cell.entry_id           1SSH 
_cell.length_a           33.920 
_cell.length_b           33.920 
_cell.length_c           113.100 
_cell.angle_alpha        90.00 
_cell.angle_beta         90.00 
_cell.angle_gamma        90.00 
_cell.Z_PDB              8 
_cell.pdbx_unique_axis   ? 
_cell.length_a_esd       ? 
_cell.length_b_esd       ? 
_cell.length_c_esd       ? 
_cell.angle_alpha_esd    ? 
_cell.angle_beta_esd     ? 
_cell.angle_gamma_esd    ? 
# 
_symmetry.entry_id                         1SSH 
_symmetry.space_group_name_H-M             'P 41 21 2' 
_symmetry.pdbx_full_space_group_name_H-M   ? 
_symmetry.cell_setting                     ? 
_symmetry.Int_Tables_number                92 
_symmetry.space_group_name_Hall            ? 
# 
loop_
_entity.id 
_entity.type 
_entity.src_method 
_entity.pdbx_description 
_entity.formula_weight 
_entity.pdbx_number_of_molecules 
_entity.pdbx_ec 
_entity.pdbx_mutation 
_entity.pdbx_fragment 
_entity.details 
1 polymer man 'Hypothetical 40.4 kDa protein in PES4-HIS2 intergenic region'   6581.299 1   ? ? 'SH3 domain' ? 
2 polymer syn '12-mer peptide from Cytoskeleton assembly control protein SLA1' 1221.404 1   ? ? ?            ? 
3 water   nat water                                                            18.015   106 ? ? ?            ? 
# 
_entity_name_com.entity_id   2 
_entity_name_com.name        '12-residue peptide from Sla1' 
# 
loop_
_entity_poly.entity_id 
_entity_poly.type 
_entity_poly.nstd_linkage 
_entity_poly.nstd_monomer 
_entity_poly.pdbx_seq_one_letter_code 
_entity_poly.pdbx_seq_one_letter_code_can 
_entity_poly.pdbx_strand_id 
_entity_poly.pdbx_target_identifier 
1 'polypeptide(L)' no no GSSPKAVALYSFAGEESGDLPFRKGDVITILKKSDSQNDWWTGRVNGREGIFPANYVELV 
GSSPKAVALYSFAGEESGDLPFRKGDVITILKKSDSQNDWWTGRVNGREGIFPANYVELV A ? 
2 'polypeptide(L)' no no EGPPPAMPARPT                                                 EGPPPAMPARPT B ? 
# 
loop_
_entity_poly_seq.entity_id 
_entity_poly_seq.num 
_entity_poly_seq.mon_id 
_entity_poly_seq.hetero 
1 1  GLY n 
1 2  SER n 
1 3  SER n 
1 4  PRO n 
1 5  LYS n 
1 6  ALA n 
1 7  VAL n 
1 8  ALA n 
1 9  LEU n 
1 10 TYR n 
1 11 SER n 
1 12 PHE n 
1 13 ALA n 
1 14 GLY n 
1 15 GLU n 
1 16 GLU n 
1 17 SER n 
1 18 GLY n 
1 19 ASP n 
1 20 LEU n 
1 21 PRO n 
1 22 PHE n 
1 23 ARG n 
1 24 LYS n 
1 25 GLY n 
1 26 ASP n 
1 27 VAL n 
1 28 ILE n 
1 29 THR n 
1 30 ILE n 
1 31 LEU n 
1 32 LYS n 
1 33 LYS n 
1 34 SER n 
1 35 ASP n 
1 36 SER n 
1 37 GLN n 
1 38 ASN n 
1 39 ASP n 
1 40 TRP n 
1 41 TRP n 
1 42 THR n 
1 43 GLY n 
1 44 ARG n 
1 45 VAL n 
1 46 ASN n 
1 47 GLY n 
1 48 ARG n 
1 49 GLU n 
1 50 GLY n 
1 51 ILE n 
1 52 PHE n 
1 53 PRO n 
1 54 ALA n 
1 55 ASN n 
1 56 TYR n 
1 57 VAL n 
1 58 GLU n 
1 59 LEU n 
1 60 VAL n 
2 1  GLU n 
2 2  GLY n 
2 3  PRO n 
2 4  PRO n 
2 5  PRO n 
2 6  ALA n 
2 7  MET n 
2 8  PRO n 
2 9  ALA n 
2 10 ARG n 
2 11 PRO n 
2 12 THR n 
# 
_entity_src_gen.entity_id                          1 
_entity_src_gen.pdbx_src_id                        1 
_entity_src_gen.pdbx_alt_source_flag               sample 
_entity_src_gen.pdbx_seq_type                      ? 
_entity_src_gen.pdbx_beg_seq_num                   ? 
_entity_src_gen.pdbx_end_seq_num                   ? 
_entity_src_gen.gene_src_common_name               
;baker's yeast
;
_entity_src_gen.gene_src_genus                     Saccharomyces 
_entity_src_gen.pdbx_gene_src_gene                 ? 
_entity_src_gen.gene_src_species                   ? 
_entity_src_gen.gene_src_strain                    ? 
_entity_src_gen.gene_src_tissue                    ? 
_entity_src_gen.gene_src_tissue_fraction           ? 
_entity_src_gen.gene_src_details                   ? 
_entity_src_gen.pdbx_gene_src_fragment             ? 
_entity_src_gen.pdbx_gene_src_scientific_name      'Saccharomyces cerevisiae' 
_entity_src_gen.pdbx_gene_src_ncbi_taxonomy_id     4932 
_entity_src_gen.pdbx_gene_src_variant              ? 
_entity_src_gen.pdbx_gene_src_cell_line            ? 
_entity_src_gen.pdbx_gene_src_atcc                 ? 
_entity_src_gen.pdbx_gene_src_organ                ? 
_entity_src_gen.pdbx_gene_src_organelle            ? 
_entity_src_gen.pdbx_gene_src_cell                 ? 
_entity_src_gen.pdbx_gene_src_cellular_location    ? 
_entity_src_gen.host_org_common_name               ? 
_entity_src_gen.pdbx_host_org_scientific_name      'Escherichia coli' 
_entity_src_gen.pdbx_host_org_ncbi_taxonomy_id     562 
_entity_src_gen.host_org_genus                     Escherichia 
_entity_src_gen.pdbx_host_org_gene                 ? 
_entity_src_gen.pdbx_host_org_organ                ? 
_entity_src_gen.host_org_species                   ? 
_entity_src_gen.pdbx_host_org_tissue               ? 
_entity_src_gen.pdbx_host_org_tissue_fraction      ? 
_entity_src_gen.pdbx_host_org_strain               'BL21(DE3)plysS' 
_entity_src_gen.pdbx_host_org_variant              ? 
_entity_src_gen.pdbx_host_org_cell_line            ? 
_entity_src_gen.pdbx_host_org_atcc                 ? 
_entity_src_gen.pdbx_host_org_culture_collection   ? 
_entity_src_gen.pdbx_host_org_cell                 ? 
_entity_src_gen.pdbx_host_org_organelle            ? 
_entity_src_gen.pdbx_host_org_cellular_location    ? 
_entity_src_gen.pdbx_host_org_vector_type          plasmid 
_entity_src_gen.pdbx_host_org_vector               ? 
_entity_src_gen.host_org_details                   ? 
_entity_src_gen.expression_system_id               ? 
_entity_src_gen.plasmid_name                       pDEST17 
_entity_src_gen.plasmid_details                    ? 
_entity_src_gen.pdbx_description                   ? 
# 
_pdbx_entity_src_syn.entity_id              2 
_pdbx_entity_src_syn.pdbx_src_id            1 
_pdbx_entity_src_syn.pdbx_alt_source_flag   sample 
_pdbx_entity_src_syn.pdbx_beg_seq_num       ? 
_pdbx_entity_src_syn.pdbx_end_seq_num       ? 
_pdbx_entity_src_syn.organism_scientific    ? 
_pdbx_entity_src_syn.organism_common_name   ? 
_pdbx_entity_src_syn.ncbi_taxonomy_id       ? 
_pdbx_entity_src_syn.details                'Synthetic 12-aa peptide from yeast Sla1' 
# 
loop_
_struct_ref.id 
_struct_ref.db_name 
_struct_ref.db_code 
_struct_ref.pdbx_db_accession 
_struct_ref.entity_id 
_struct_ref.pdbx_seq_one_letter_code 
_struct_ref.pdbx_align_begin 
_struct_ref.pdbx_db_isoform 
1 UNP YFJ4_YEAST P43603 1 SSPKAVALYSFAGEESGDLPFRKGDVITILKKSDSQNDWWTGRVNGREGIFPANYVELV 315 ? 
2 UNP SLA1_YEAST P32790 2 EGPPPAMPARPT                                                191 ? 
# 
loop_
_struct_ref_seq.align_id 
_struct_ref_seq.ref_id 
_struct_ref_seq.pdbx_PDB_id_code 
_struct_ref_seq.pdbx_strand_id 
_struct_ref_seq.seq_align_beg 
_struct_ref_seq.pdbx_seq_align_beg_ins_code 
_struct_ref_seq.seq_align_end 
_struct_ref_seq.pdbx_seq_align_end_ins_code 
_struct_ref_seq.pdbx_db_accession 
_struct_ref_seq.db_align_beg 
_struct_ref_seq.pdbx_db_align_beg_ins_code 
_struct_ref_seq.db_align_end 
_struct_ref_seq.pdbx_db_align_end_ins_code 
_struct_ref_seq.pdbx_auth_seq_align_beg 
_struct_ref_seq.pdbx_auth_seq_align_end 
1 1 1SSH A 2 ? 60 ? P43603 315 ? 373 ? 2 60 
2 2 1SSH B 1 ? 12 ? P32790 191 ? 202 ? 1 12 
# 
_struct_ref_seq_dif.align_id                     1 
_struct_ref_seq_dif.pdbx_pdb_id_code             1SSH 
_struct_ref_seq_dif.mon_id                       GLY 
_struct_ref_seq_dif.pdbx_pdb_strand_id           A 
_struct_ref_seq_dif.seq_num                      1 
_struct_ref_seq_dif.pdbx_pdb_ins_code            ? 
_struct_ref_seq_dif.pdbx_seq_db_name             UNP 
_struct_ref_seq_dif.pdbx_seq_db_accession_code   P43603 
_struct_ref_seq_dif.db_mon_id                    ? 
_struct_ref_seq_dif.pdbx_seq_db_seq_num          ? 
_struct_ref_seq_dif.details                      'cloning artifact' 
_struct_ref_seq_dif.pdbx_auth_seq_num            1 
_struct_ref_seq_dif.pdbx_ordinal                 1 
# 
loop_
_chem_comp.id 
_chem_comp.type 
_chem_comp.mon_nstd_flag 
_chem_comp.name 
_chem_comp.pdbx_synonyms 
_chem_comp.formula 
_chem_comp.formula_weight 
ALA 'L-peptide linking' y ALANINE         ? 'C3 H7 N O2'     89.093  
ARG 'L-peptide linking' y ARGININE        ? 'C6 H15 N4 O2 1' 175.209 
ASN 'L-peptide linking' y ASPARAGINE      ? 'C4 H8 N2 O3'    132.118 
ASP 'L-peptide linking' y 'ASPARTIC ACID' ? 'C4 H7 N O4'     133.103 
GLN 'L-peptide linking' y GLUTAMINE       ? 'C5 H10 N2 O3'   146.144 
GLU 'L-peptide linking' y 'GLUTAMIC ACID' ? 'C5 H9 N O4'     147.129 
GLY 'peptide linking'   y GLYCINE         ? 'C2 H5 N O2'     75.067  
HOH non-polymer         . WATER           ? 'H2 O'           18.015  
ILE 'L-peptide linking' y ISOLEUCINE      ? 'C6 H13 N O2'    131.173 
LEU 'L-peptide linking' y LEUCINE         ? 'C6 H13 N O2'    131.173 
LYS 'L-peptide linking' y LYSINE          ? 'C6 H15 N2 O2 1' 147.195 
MET 'L-peptide linking' y METHIONINE      ? 'C5 H11 N O2 S'  149.211 
PHE 'L-peptide linking' y PHENYLALANINE   ? 'C9 H11 N O2'    165.189 
PRO 'L-peptide linking' y PROLINE         ? 'C5 H9 N O2'     115.130 
SER 'L-peptide linking' y SERINE          ? 'C3 H7 N O3'     105.093 
THR 'L-peptide linking' y THREONINE       ? 'C4 H9 N O3'     119.119 
TRP 'L-peptide linking' y TRYPTOPHAN      ? 'C11 H12 N2 O2'  204.225 
TYR 'L-peptide linking' y TYROSINE        ? 'C9 H11 N O3'    181.189 
VAL 'L-peptide linking' y VALINE          ? 'C5 H11 N O2'    117.146 
# 
_exptl.entry_id          1SSH 
_exptl.method            'X-RAY DIFFRACTION' 
_exptl.crystals_number   1 
# 
_exptl_crystal.id                    1 
_exptl_crystal.density_meas          ? 
_exptl_crystal.density_Matthews      2.08 
_exptl_crystal.density_percent_sol   40.94 
_exptl_crystal.description           ? 
_exptl_crystal.F_000                 ? 
_exptl_crystal.preparation           ? 
# 
_exptl_crystal_grow.crystal_id      1 
_exptl_crystal_grow.method          'VAPOR DIFFUSION, SITTING DROP' 
_exptl_crystal_grow.temp            295 
_exptl_crystal_grow.temp_details    ? 
_exptl_crystal_grow.pH              7 
_exptl_crystal_grow.pdbx_details    '2.9M sodium malonate, pH 7, VAPOR DIFFUSION, SITTING DROP, temperature 295K' 
_exptl_crystal_grow.pdbx_pH_range   . 
# 
_diffrn.id                     1 
_diffrn.ambient_temp           100 
_diffrn.ambient_temp_details   ? 
_diffrn.crystal_id             1 
# 
_diffrn_detector.diffrn_id              1 
_diffrn_detector.detector               CCD 
_diffrn_detector.type                   MARRESEARCH 
_diffrn_detector.pdbx_collection_date   2004-03-19 
_diffrn_detector.details                ? 
# 
_diffrn_radiation.diffrn_id                        1 
_diffrn_radiation.wavelength_id                    1 
_diffrn_radiation.pdbx_monochromatic_or_laue_m_l   M 
_diffrn_radiation.monochromator                    'Si crystal, mirrors' 
_diffrn_radiation.pdbx_diffrn_protocol             'SINGLE WAVELENGTH' 
_diffrn_radiation.pdbx_scattering_type             x-ray 
# 
_diffrn_radiation_wavelength.id           1 
_diffrn_radiation_wavelength.wavelength   0.9795 
_diffrn_radiation_wavelength.wt           1.0 
# 
_diffrn_source.diffrn_id                   1 
_diffrn_source.source                      SYNCHROTRON 
_diffrn_source.type                        'EMBL/DESY, HAMBURG BEAMLINE BW7A' 
_diffrn_source.pdbx_synchrotron_site       'EMBL/DESY, HAMBURG' 
_diffrn_source.pdbx_synchrotron_beamline   BW7A 
_diffrn_source.pdbx_wavelength             ? 
_diffrn_source.pdbx_wavelength_list        0.9795 
# 
_reflns.entry_id                     1SSH 
_reflns.observed_criterion_sigma_F   ? 
_reflns.observed_criterion_sigma_I   -3 
_reflns.d_resolution_high            1.4 
_reflns.d_resolution_low             20.0 
_reflns.number_all                   ? 
_reflns.number_obs                   13804 
_reflns.percent_possible_obs         99.9 
_reflns.pdbx_Rmerge_I_obs            ? 
_reflns.pdbx_Rsym_value              0.101 
_reflns.pdbx_netI_over_sigmaI        16.56 
_reflns.B_iso_Wilson_estimate        19.1 
_reflns.pdbx_redundancy              7.4 
_reflns.R_free_details               ? 
_reflns.limit_h_max                  ? 
_reflns.limit_h_min                  ? 
_reflns.limit_k_max                  ? 
_reflns.limit_k_min                  ? 
_reflns.limit_l_max                  ? 
_reflns.limit_l_min                  ? 
_reflns.observed_criterion_F_max     ? 
_reflns.observed_criterion_F_min     ? 
_reflns.pdbx_chi_squared             ? 
_reflns.pdbx_scaling_rejects         ? 
_reflns.pdbx_diffrn_id               1 
_reflns.pdbx_ordinal                 1 
# 
_reflns_shell.d_res_high             1.4 
_reflns_shell.d_res_low              1.5 
_reflns_shell.percent_possible_all   100 
_reflns_shell.Rmerge_I_obs           ? 
_reflns_shell.pdbx_Rsym_value        ? 
_reflns_shell.meanI_over_sigI_obs    ? 
_reflns_shell.pdbx_redundancy        ? 
_reflns_shell.percent_possible_obs   ? 
_reflns_shell.number_unique_all      ? 
_reflns_shell.number_measured_all    ? 
_reflns_shell.number_measured_obs    ? 
_reflns_shell.number_unique_obs      ? 
_reflns_shell.pdbx_chi_squared       ? 
_reflns_shell.pdbx_diffrn_id         ? 
_reflns_shell.pdbx_ordinal           1 
# 
_refine.entry_id                                 1SSH 
_refine.ls_number_reflns_obs                     13113 
_refine.ls_number_reflns_all                     ? 
_refine.pdbx_ls_sigma_I                          ? 
_refine.pdbx_ls_sigma_F                          ? 
_refine.pdbx_data_cutoff_high_absF               ? 
_refine.pdbx_data_cutoff_low_absF                ? 
_refine.pdbx_data_cutoff_high_rms_absF           ? 
_refine.ls_d_res_low                             18.82 
_refine.ls_d_res_high                            1.40 
_refine.ls_percent_reflns_obs                    99.89 
_refine.ls_R_factor_obs                          0.1652 
_refine.ls_R_factor_all                          ? 
_refine.ls_R_factor_R_work                       0.16326 
_refine.ls_R_factor_R_free                       0.2025 
_refine.ls_R_factor_R_free_error                 ? 
_refine.ls_R_factor_R_free_error_details         ? 
_refine.ls_percent_reflns_R_free                 5.0 
_refine.ls_number_reflns_R_free                  691 
_refine.ls_number_parameters                     ? 
_refine.ls_number_restraints                     ? 
_refine.occupancy_min                            ? 
_refine.occupancy_max                            ? 
_refine.correlation_coeff_Fo_to_Fc               0.972 
_refine.correlation_coeff_Fo_to_Fc_free          0.956 
_refine.B_iso_mean                               6.760 
_refine.aniso_B[1][1]                            -0.60 
_refine.aniso_B[2][2]                            -0.60 
_refine.aniso_B[3][3]                            1.20 
_refine.aniso_B[1][2]                            0.00 
_refine.aniso_B[1][3]                            0.00 
_refine.aniso_B[2][3]                            0.00 
_refine.solvent_model_details                    'BABINET MODEL WITH MASK' 
_refine.solvent_model_param_ksol                 ? 
_refine.solvent_model_param_bsol                 ? 
_refine.pdbx_solvent_vdw_probe_radii             1.40 
_refine.pdbx_solvent_ion_probe_radii             0.80 
_refine.pdbx_solvent_shrinkage_radii             0.80 
_refine.pdbx_ls_cross_valid_method               THROUGHOUT 
_refine.details                                  'HYDROGENS HAVE BEEN ADDED IN THE RIDING POSITIONS' 
_refine.pdbx_starting_model                      1OOT 
_refine.pdbx_method_to_determine_struct          'MOLECULAR REPLACEMENT' 
_refine.pdbx_isotropic_thermal_model             ? 
_refine.pdbx_stereochemistry_target_values       'MAXIMUM LIKELIHOOD' 
_refine.pdbx_stereochem_target_val_spec_case     ? 
_refine.pdbx_R_Free_selection_details            RANDOM 
_refine.pdbx_overall_ESU_R                       0.059 
_refine.pdbx_overall_ESU_R_Free                  0.065 
_refine.overall_SU_ML                            0.047 
_refine.overall_SU_B                             1.245 
_refine.ls_redundancy_reflns_obs                 ? 
_refine.B_iso_min                                ? 
_refine.B_iso_max                                ? 
_refine.overall_SU_R_Cruickshank_DPI             ? 
_refine.overall_SU_R_free                        ? 
_refine.ls_wR_factor_R_free                      ? 
_refine.ls_wR_factor_R_work                      ? 
_refine.overall_FOM_free_R_set                   ? 
_refine.overall_FOM_work_R_set                   ? 
_refine.pdbx_refine_id                           'X-RAY DIFFRACTION' 
_refine.pdbx_diffrn_id                           1 
_refine.pdbx_TLS_residual_ADP_flag               ? 
_refine.pdbx_overall_phase_error                 ? 
_refine.pdbx_overall_SU_R_free_Cruickshank_DPI   ? 
_refine.pdbx_overall_SU_R_Blow_DPI               ? 
_refine.pdbx_overall_SU_R_free_Blow_DPI          ? 
# 
_refine_hist.pdbx_refine_id                   'X-RAY DIFFRACTION' 
_refine_hist.cycle_id                         LAST 
_refine_hist.pdbx_number_atoms_protein        556 
_refine_hist.pdbx_number_atoms_nucleic_acid   0 
_refine_hist.pdbx_number_atoms_ligand         0 
_refine_hist.number_atoms_solvent             107 
_refine_hist.number_atoms_total               663 
_refine_hist.d_res_high                       1.40 
_refine_hist.d_res_low                        18.82 
# 
loop_
_refine_ls_restr.type 
_refine_ls_restr.dev_ideal 
_refine_ls_restr.dev_ideal_target 
_refine_ls_restr.weight 
_refine_ls_restr.number 
_refine_ls_restr.pdbx_refine_id 
_refine_ls_restr.pdbx_restraint_function 
r_bond_refined_d         0.015 0.022 ? 571  'X-RAY DIFFRACTION' ? 
r_bond_other_d           0.002 0.020 ? 515  'X-RAY DIFFRACTION' ? 
r_angle_refined_deg      1.558 1.970 ? 776  'X-RAY DIFFRACTION' ? 
r_angle_other_deg        0.831 3.000 ? 1212 'X-RAY DIFFRACTION' ? 
r_dihedral_angle_1_deg   5.772 5.000 ? 69   'X-RAY DIFFRACTION' ? 
r_chiral_restr           0.100 0.200 ? 84   'X-RAY DIFFRACTION' ? 
r_gen_planes_refined     0.008 0.020 ? 624  'X-RAY DIFFRACTION' ? 
r_gen_planes_other       0.002 0.020 ? 110  'X-RAY DIFFRACTION' ? 
r_nbd_refined            0.201 0.200 ? 87   'X-RAY DIFFRACTION' ? 
r_nbd_other              0.251 0.200 ? 535  'X-RAY DIFFRACTION' ? 
r_nbtor_other            0.086 0.200 ? 302  'X-RAY DIFFRACTION' ? 
r_xyhbond_nbd_refined    0.199 0.200 ? 61   'X-RAY DIFFRACTION' ? 
r_symmetry_vdw_refined   0.071 0.200 ? 5    'X-RAY DIFFRACTION' ? 
r_symmetry_vdw_other     0.308 0.200 ? 50   'X-RAY DIFFRACTION' ? 
r_symmetry_hbond_refined 0.202 0.200 ? 22   'X-RAY DIFFRACTION' ? 
r_mcbond_it              1.330 3.000 ? 360  'X-RAY DIFFRACTION' ? 
r_mcangle_it             2.003 4.000 ? 585  'X-RAY DIFFRACTION' ? 
r_scbond_it              2.355 4.000 ? 211  'X-RAY DIFFRACTION' ? 
r_scangle_it             3.652 5.000 ? 191  'X-RAY DIFFRACTION' ? 
# 
_refine_ls_shell.pdbx_total_number_of_bins_used   20 
_refine_ls_shell.d_res_high                       1.400 
_refine_ls_shell.d_res_low                        1.436 
_refine_ls_shell.number_reflns_R_work             946 
_refine_ls_shell.R_factor_R_work                  0.341 
_refine_ls_shell.percent_reflns_obs               ? 
_refine_ls_shell.R_factor_R_free                  0.351 
_refine_ls_shell.R_factor_R_free_error            ? 
_refine_ls_shell.percent_reflns_R_free            ? 
_refine_ls_shell.number_reflns_R_free             50 
_refine_ls_shell.number_reflns_obs                ? 
_refine_ls_shell.redundancy_reflns_obs            ? 
_refine_ls_shell.number_reflns_all                ? 
_refine_ls_shell.R_factor_all                     ? 
_refine_ls_shell.pdbx_refine_id                   'X-RAY DIFFRACTION' 
# 
_struct.entry_id                  1SSH 
_struct.title                     
'Crystal structure of the SH3 domain from a S. cerevisiae hypothetical 40.4 kDa protein in complex with a peptide' 
_struct.pdbx_model_details        ? 
_struct.pdbx_CASP_flag            ? 
_struct.pdbx_model_type_details   ? 
# 
_struct_keywords.entry_id        1SSH 
_struct_keywords.pdbx_keywords   'CONTRACTILE PROTEIN' 
_struct_keywords.text            'SH3 domain, yeast, structural genomics, protein-peptide complex, CONTRACTILE PROTEIN' 
# 
loop_
_struct_asym.id 
_struct_asym.pdbx_blank_PDB_chainid_flag 
_struct_asym.pdbx_modified 
_struct_asym.entity_id 
_struct_asym.details 
A N N 1 ? 
B N N 2 ? 
C N N 3 ? 
D N N 3 ? 
# 
_struct_sheet.id               A 
_struct_sheet.type             ? 
_struct_sheet.number_strands   5 
_struct_sheet.details          ? 
# 
loop_
_struct_sheet_order.sheet_id 
_struct_sheet_order.range_id_1 
_struct_sheet_order.range_id_2 
_struct_sheet_order.offset 
_struct_sheet_order.sense 
A 1 2 ? anti-parallel 
A 2 3 ? anti-parallel 
A 3 4 ? anti-parallel 
A 4 5 ? anti-parallel 
# 
loop_
_struct_sheet_range.sheet_id 
_struct_sheet_range.id 
_struct_sheet_range.beg_label_comp_id 
_struct_sheet_range.beg_label_asym_id 
_struct_sheet_range.beg_label_seq_id 
_struct_sheet_range.pdbx_beg_PDB_ins_code 
_struct_sheet_range.end_label_comp_id 
_struct_sheet_range.end_label_asym_id 
_struct_sheet_range.end_label_seq_id 
_struct_sheet_range.pdbx_end_PDB_ins_code 
_struct_sheet_range.beg_auth_comp_id 
_struct_sheet_range.beg_auth_asym_id 
_struct_sheet_range.beg_auth_seq_id 
_struct_sheet_range.end_auth_comp_id 
_struct_sheet_range.end_auth_asym_id 
_struct_sheet_range.end_auth_seq_id 
A 1 ARG A 48 ? PRO A 53 ? ARG A 48 PRO A 53 
A 2 TRP A 40 ? VAL A 45 ? TRP A 40 VAL A 45 
A 3 VAL A 27 ? LYS A 32 ? VAL A 27 LYS A 32 
A 4 LYS A 5  ? ALA A 8  ? LYS A 5  ALA A 8  
A 5 VAL A 57 ? LEU A 59 ? VAL A 57 LEU A 59 
# 
loop_
_pdbx_struct_sheet_hbond.sheet_id 
_pdbx_struct_sheet_hbond.range_id_1 
_pdbx_struct_sheet_hbond.range_id_2 
_pdbx_struct_sheet_hbond.range_1_label_atom_id 
_pdbx_struct_sheet_hbond.range_1_label_comp_id 
_pdbx_struct_sheet_hbond.range_1_label_asym_id 
_pdbx_struct_sheet_hbond.range_1_label_seq_id 
_pdbx_struct_sheet_hbond.range_1_PDB_ins_code 
_pdbx_struct_sheet_hbond.range_1_auth_atom_id 
_pdbx_struct_sheet_hbond.range_1_auth_comp_id 
_pdbx_struct_sheet_hbond.range_1_auth_asym_id 
_pdbx_struct_sheet_hbond.range_1_auth_seq_id 
_pdbx_struct_sheet_hbond.range_2_label_atom_id 
_pdbx_struct_sheet_hbond.range_2_label_comp_id 
_pdbx_struct_sheet_hbond.range_2_label_asym_id 
_pdbx_struct_sheet_hbond.range_2_label_seq_id 
_pdbx_struct_sheet_hbond.range_2_PDB_ins_code 
_pdbx_struct_sheet_hbond.range_2_auth_atom_id 
_pdbx_struct_sheet_hbond.range_2_auth_comp_id 
_pdbx_struct_sheet_hbond.range_2_auth_asym_id 
_pdbx_struct_sheet_hbond.range_2_auth_seq_id 
A 1 2 O GLY A 50 ? O GLY A 50 N GLY A 43 ? N GLY A 43 
A 2 3 O ARG A 44 ? O ARG A 44 N THR A 29 ? N THR A 29 
A 3 4 O ILE A 28 ? O ILE A 28 N ALA A 6  ? N ALA A 6  
A 4 5 N VAL A 7  ? N VAL A 7  O GLU A 58 ? O GLU A 58 
# 
_atom_sites.entry_id                    1SSH 
_atom_sites.fract_transf_matrix[1][1]   0.00176998 
_atom_sites.fract_transf_matrix[1][2]   -0.01856551 
_atom_sites.fract_transf_matrix[1][3]   0.02283239 
_atom_sites.fract_transf_matrix[2][1]   0.00038004 
_atom_sites.fract_transf_matrix[2][2]   -0.02285733 
_atom_sites.fract_transf_matrix[2][3]   -0.01861525 
_atom_sites.fract_transf_matrix[3][1]   0.00882531 
_atom_sites.fract_transf_matrix[3][2]   0.00042348 
_atom_sites.fract_transf_matrix[3][3]   -0.00033981 
_atom_sites.fract_transf_vector[1]      0.033395 
_atom_sites.fract_transf_vector[2]      0.003237 
_atom_sites.fract_transf_vector[3]      0.359264 
# 
loop_
_atom_type.symbol 
C 
N 
O 
S 
# 
loop_
_atom_site.group_PDB 
_atom_site.id 
_atom_site.type_symbol 
_atom_site.label_atom_id 
_atom_site.label_alt_id 
_atom_site.label_comp_id 
_atom_site.label_asym_id 
_atom_site.label_entity_id 
_atom_site.label_seq_id 
_atom_site.pdbx_PDB_ins_code 
_atom_site.Cartn_x 
_atom_site.Cartn_y 
_atom_site.Cartn_z 
_atom_site.occupancy 
_atom_site.B_iso_or_equiv 
_atom_site.pdbx_formal_charge 
_atom_site.auth_seq_id 
_atom_site.auth_comp_id 
_atom_site.auth_asym_id 
_atom_site.auth_atom_id 
_atom_site.pdbx_PDB_model_num 
ATOM   1   N N   . GLY A 1 1  ? -7.693  -9.529  -14.783 1.00 8.18  ? 1   GLY A N   1 
ATOM   2   C CA  . GLY A 1 1  ? -6.424  -8.832  -14.446 1.00 6.37  ? 1   GLY A CA  1 
ATOM   3   C C   . GLY A 1 1  ? -6.523  -8.014  -13.179 1.00 6.79  ? 1   GLY A C   1 
ATOM   4   O O   . GLY A 1 1  ? -7.608  -7.838  -12.633 1.00 8.38  ? 1   GLY A O   1 
ATOM   5   N N   . SER A 1 2  ? -5.400  -7.470  -12.733 1.00 5.43  ? 2   SER A N   1 
ATOM   6   C CA  . SER A 1 2  ? -5.335  -6.695  -11.496 1.00 6.26  ? 2   SER A CA  1 
ATOM   7   C C   . SER A 1 2  ? -6.192  -5.409  -11.528 1.00 8.16  ? 2   SER A C   1 
ATOM   8   O O   . SER A 1 2  ? -6.188  -4.659  -12.502 1.00 6.12  ? 2   SER A O   1 
ATOM   9   C CB  A SER A 1 2  ? -3.870  -6.353  -11.131 0.60 6.41  ? 2   SER A CB  1 
ATOM   10  C CB  B SER A 1 2  ? -3.881  -6.362  -11.130 0.40 6.94  ? 2   SER A CB  1 
ATOM   11  O OG  A SER A 1 2  ? -2.977  -7.441  -11.359 0.60 7.02  ? 2   SER A OG  1 
ATOM   12  O OG  B SER A 1 2  ? -3.254  -5.612  -12.153 0.40 8.89  ? 2   SER A OG  1 
ATOM   13  N N   . SER A 1 3  ? -6.889  -5.168  -10.427 1.00 8.62  ? 3   SER A N   1 
ATOM   14  C CA  . SER A 1 3  ? -7.709  -3.980  -10.240 1.00 9.32  ? 3   SER A CA  1 
ATOM   15  C C   . SER A 1 3  ? -6.867  -2.710  -10.328 1.00 4.40  ? 3   SER A C   1 
ATOM   16  O O   . SER A 1 3  ? -5.724  -2.721  -9.888  1.00 6.28  ? 3   SER A O   1 
ATOM   17  C CB  A SER A 1 3  ? -8.407  -4.060  -8.877  0.50 8.16  ? 3   SER A CB  1 
ATOM   18  C CB  B SER A 1 3  ? -8.348  -4.011  -8.839  0.50 8.33  ? 3   SER A CB  1 
ATOM   19  O OG  A SER A 1 3  ? -9.191  -5.246  -8.836  0.50 9.55  ? 3   SER A OG  1 
ATOM   20  O OG  B SER A 1 3  ? -9.292  -2.972  -8.698  0.50 12.08 ? 3   SER A OG  1 
ATOM   21  N N   . PRO A 1 4  ? -7.417  -1.633  -10.894 1.00 6.98  ? 4   PRO A N   1 
ATOM   22  C CA  . PRO A 1 4  ? -6.735  -0.329  -10.817 1.00 8.59  ? 4   PRO A CA  1 
ATOM   23  C C   . PRO A 1 4  ? -6.559  0.216   -9.410  1.00 7.62  ? 4   PRO A C   1 
ATOM   24  O O   . PRO A 1 4  ? -5.635  0.974   -9.200  1.00 7.51  ? 4   PRO A O   1 
ATOM   25  C CB  . PRO A 1 4  ? -7.643  0.606   -11.609 1.00 7.85  ? 4   PRO A CB  1 
ATOM   26  C CG  . PRO A 1 4  ? -8.626  -0.230  -12.328 1.00 8.82  ? 4   PRO A CG  1 
ATOM   27  C CD  . PRO A 1 4  ? -8.641  -1.581  -11.704 1.00 8.48  ? 4   PRO A CD  1 
ATOM   28  N N   . LYS A 1 5  ? -7.433  -0.163  -8.477  1.00 5.92  ? 5   LYS A N   1 
ATOM   29  C CA  . LYS A 1 5  ? -7.445  0.358   -7.136  1.00 4.85  ? 5   LYS A CA  1 
ATOM   30  C C   . LYS A 1 5  ? -7.477  -0.759  -6.077  1.00 3.89  ? 5   LYS A C   1 
ATOM   31  O O   . LYS A 1 5  ? -7.833  -1.910  -6.359  1.00 4.92  ? 5   LYS A O   1 
ATOM   32  C CB  . LYS A 1 5  ? -8.624  1.299   -6.984  1.00 5.70  ? 5   LYS A CB  1 
ATOM   33  C CG  . LYS A 1 5  ? -8.523  2.529   -7.932  1.00 7.87  ? 5   LYS A CG  1 
ATOM   34  C CD  . LYS A 1 5  ? -9.552  3.575   -7.644  1.00 10.42 ? 5   LYS A CD  1 
ATOM   35  C CE  . LYS A 1 5  ? -9.570  4.655   -8.713  1.00 10.49 ? 5   LYS A CE  1 
ATOM   36  N NZ  . LYS A 1 5  ? -10.487 5.779   -8.362  1.00 14.80 ? 5   LYS A NZ  1 
ATOM   37  N N   . ALA A 1 6  ? -7.111  -0.372  -4.866  1.00 3.45  ? 6   ALA A N   1 
ATOM   38  C CA  . ALA A 1 6  ? -7.119  -1.210  -3.683  1.00 3.94  ? 6   ALA A CA  1 
ATOM   39  C C   . ALA A 1 6  ? -7.709  -0.422  -2.512  1.00 6.24  ? 6   ALA A C   1 
ATOM   40  O O   . ALA A 1 6  ? -7.665  0.793   -2.490  1.00 7.23  ? 6   ALA A O   1 
ATOM   41  C CB  . ALA A 1 6  ? -5.732  -1.654  -3.343  1.00 5.91  ? 6   ALA A CB  1 
ATOM   42  N N   . VAL A 1 7  ? -8.194  -1.138  -1.509  1.00 3.57  ? 7   VAL A N   1 
ATOM   43  C CA  . VAL A 1 7  ? -8.676  -0.531  -0.289  1.00 3.73  ? 7   VAL A CA  1 
ATOM   44  C C   . VAL A 1 7  ? -7.741  -0.887  0.849   1.00 4.49  ? 7   VAL A C   1 
ATOM   45  O O   . VAL A 1 7  ? -7.322  -2.041  0.963   1.00 5.21  ? 7   VAL A O   1 
ATOM   46  C CB  A VAL A 1 7  ? -10.126 -0.957  -0.028  0.50 3.34  ? 7   VAL A CB  1 
ATOM   47  C CB  B VAL A 1 7  ? -10.141 -0.951  0.066   0.50 4.64  ? 7   VAL A CB  1 
ATOM   48  C CG1 A VAL A 1 7  ? -10.563 -0.552  1.375   0.50 4.24  ? 7   VAL A CG1 1 
ATOM   49  C CG1 B VAL A 1 7  ? -10.276 -2.471  0.315   0.50 6.01  ? 7   VAL A CG1 1 
ATOM   50  C CG2 A VAL A 1 7  ? -11.059 -0.366  -1.125  0.50 2.62  ? 7   VAL A CG2 1 
ATOM   51  C CG2 B VAL A 1 7  ? -10.647 -0.163  1.282   0.50 6.81  ? 7   VAL A CG2 1 
ATOM   52  N N   . ALA A 1 8  ? -7.442  0.074   1.710   1.00 2.82  ? 8   ALA A N   1 
ATOM   53  C CA  . ALA A 1 8  ? -6.559  -0.195  2.856   1.00 3.90  ? 8   ALA A CA  1 
ATOM   54  C C   . ALA A 1 8  ? -7.293  -1.028  3.913   1.00 3.16  ? 8   ALA A C   1 
ATOM   55  O O   . ALA A 1 8  ? -8.404  -0.699  4.333   1.00 3.60  ? 8   ALA A O   1 
ATOM   56  C CB  . ALA A 1 8  ? -6.066  1.064   3.441   1.00 4.40  ? 8   ALA A CB  1 
ATOM   57  N N   . LEU A 1 9  ? -6.651  -2.135  4.296   1.00 4.79  ? 9   LEU A N   1 
ATOM   58  C CA  . LEU A 1 9  ? -7.093  -3.040  5.353   1.00 4.80  ? 9   LEU A CA  1 
ATOM   59  C C   . LEU A 1 9  ? -6.717  -2.553  6.770   1.00 4.21  ? 9   LEU A C   1 
ATOM   60  O O   . LEU A 1 9  ? -7.391  -2.873  7.757   1.00 4.80  ? 9   LEU A O   1 
ATOM   61  C CB  . LEU A 1 9  ? -6.468  -4.442  5.117   1.00 4.51  ? 9   LEU A CB  1 
ATOM   62  C CG  . LEU A 1 9  ? -6.940  -5.160  3.874   1.00 4.69  ? 9   LEU A CG  1 
ATOM   63  C CD1 . LEU A 1 9  ? -6.162  -6.460  3.711   1.00 5.82  ? 9   LEU A CD1 1 
ATOM   64  C CD2 . LEU A 1 9  ? -8.418  -5.471  3.920   1.00 7.67  ? 9   LEU A CD2 1 
ATOM   65  N N   . TYR A 1 10 ? -5.558  -1.877  6.831   1.00 5.14  ? 10  TYR A N   1 
ATOM   66  C CA  . TYR A 1 10 ? -4.986  -1.331  8.062   1.00 4.39  ? 10  TYR A CA  1 
ATOM   67  C C   . TYR A 1 10 ? -4.436  0.038   7.730   1.00 3.94  ? 10  TYR A C   1 
ATOM   68  O O   . TYR A 1 10 ? -4.118  0.304   6.581   1.00 6.46  ? 10  TYR A O   1 
ATOM   69  C CB  . TYR A 1 10 ? -3.826  -2.204  8.573   1.00 4.72  ? 10  TYR A CB  1 
ATOM   70  C CG  . TYR A 1 10 ? -4.150  -3.648  8.730   1.00 7.02  ? 10  TYR A CG  1 
ATOM   71  C CD1 . TYR A 1 10 ? -4.716  -4.097  9.912   1.00 9.67  ? 10  TYR A CD1 1 
ATOM   72  C CD2 . TYR A 1 10 ? -3.948  -4.563  7.704   1.00 9.28  ? 10  TYR A CD2 1 
ATOM   73  C CE1 . TYR A 1 10 ? -5.058  -5.415  10.079  1.00 12.66 ? 10  TYR A CE1 1 
ATOM   74  C CE2 . TYR A 1 10 ? -4.292  -5.902  7.874   1.00 11.32 ? 10  TYR A CE2 1 
ATOM   75  C CZ  . TYR A 1 10 ? -4.844  -6.298  9.048   1.00 11.70 ? 10  TYR A CZ  1 
ATOM   76  O OH  . TYR A 1 10 ? -5.180  -7.623  9.247   1.00 19.19 ? 10  TYR A OH  1 
ATOM   77  N N   . SER A 1 11 ? -4.240  0.866   8.744   1.00 3.72  ? 11  SER A N   1 
ATOM   78  C CA  . SER A 1 11 ? -3.571  2.136   8.540   1.00 4.93  ? 11  SER A CA  1 
ATOM   79  C C   . SER A 1 11 ? -2.081  1.953   8.376   1.00 5.06  ? 11  SER A C   1 
ATOM   80  O O   . SER A 1 11 ? -1.499  0.994   8.911   1.00 7.25  ? 11  SER A O   1 
ATOM   81  C CB  A SER A 1 11 ? -3.821  3.074   9.714   0.50 4.54  ? 11  SER A CB  1 
ATOM   82  C CB  B SER A 1 11 ? -3.923  3.122   9.630   0.50 4.38  ? 11  SER A CB  1 
ATOM   83  O OG  A SER A 1 11 ? -3.283  2.570   10.942  0.50 5.49  ? 11  SER A OG  1 
ATOM   84  O OG  B SER A 1 11 ? -5.337  3.320   9.659   0.50 4.81  ? 11  SER A OG  1 
ATOM   85  N N   . PHE A 1 12 ? -1.469  2.822   7.588   1.00 4.39  ? 12  PHE A N   1 
ATOM   86  C CA  . PHE A 1 12 ? -0.012  2.836   7.343   1.00 2.86  ? 12  PHE A CA  1 
ATOM   87  C C   . PHE A 1 12 ? 0.485   4.280   7.464   1.00 3.66  ? 12  PHE A C   1 
ATOM   88  O O   . PHE A 1 12 ? 0.047   5.160   6.743   1.00 4.10  ? 12  PHE A O   1 
ATOM   89  C CB  . PHE A 1 12 ? 0.269   2.287   5.940   1.00 3.36  ? 12  PHE A CB  1 
ATOM   90  C CG  . PHE A 1 12 ? 1.728   2.405   5.506   1.00 3.87  ? 12  PHE A CG  1 
ATOM   91  C CD1 . PHE A 1 12 ? 2.758   1.778   6.219   1.00 3.75  ? 12  PHE A CD1 1 
ATOM   92  C CD2 . PHE A 1 12 ? 2.072   3.177   4.402   1.00 4.43  ? 12  PHE A CD2 1 
ATOM   93  C CE1 . PHE A 1 12 ? 4.104   1.913   5.841   1.00 3.85  ? 12  PHE A CE1 1 
ATOM   94  C CE2 . PHE A 1 12 ? 3.411   3.314   4.041   1.00 3.62  ? 12  PHE A CE2 1 
ATOM   95  C CZ  . PHE A 1 12 ? 4.407   2.663   4.740   1.00 4.24  ? 12  PHE A CZ  1 
ATOM   96  N N   . ALA A 1 13 ? 1.414   4.537   8.365   1.00 3.53  ? 13  ALA A N   1 
ATOM   97  C CA  . ALA A 1 13 ? 1.900   5.902   8.627   1.00 2.74  ? 13  ALA A CA  1 
ATOM   98  C C   . ALA A 1 13 ? 3.115   6.276   7.763   1.00 5.20  ? 13  ALA A C   1 
ATOM   99  O O   . ALA A 1 13 ? 3.385   7.462   7.459   1.00 3.99  ? 13  ALA A O   1 
ATOM   100 C CB  . ALA A 1 13 ? 2.292   6.013   10.082  1.00 3.13  ? 13  ALA A CB  1 
ATOM   101 N N   . GLY A 1 14 ? 3.887   5.282   7.382   1.00 4.82  ? 14  GLY A N   1 
ATOM   102 C CA  . GLY A 1 14 ? 5.142   5.552   6.744   1.00 3.72  ? 14  GLY A CA  1 
ATOM   103 C C   . GLY A 1 14 ? 6.275   5.855   7.726   1.00 2.17  ? 14  GLY A C   1 
ATOM   104 O O   . GLY A 1 14 ? 6.108   6.090   8.941   1.00 3.18  ? 14  GLY A O   1 
ATOM   105 N N   . GLU A 1 15 ? 7.489   5.853   7.195   1.00 4.94  ? 15  GLU A N   1 
ATOM   106 C CA  . GLU A 1 15 ? 8.689   6.045   7.984   1.00 5.54  ? 15  GLU A CA  1 
ATOM   107 C C   . GLU A 1 15 ? 9.657   7.009   7.271   1.00 5.24  ? 15  GLU A C   1 
ATOM   108 O O   . GLU A 1 15 ? 10.467  7.699   7.911   1.00 7.21  ? 15  GLU A O   1 
ATOM   109 C CB  . GLU A 1 15 ? 9.349   4.672   8.299   1.00 7.36  ? 15  GLU A CB  1 
ATOM   110 C CG  . GLU A 1 15 ? 10.485  4.665   9.306   1.00 10.61 ? 15  GLU A CG  1 
ATOM   111 C CD  . GLU A 1 15 ? 10.869  3.258   9.777   1.00 8.27  ? 15  GLU A CD  1 
ATOM   112 O OE1 . GLU A 1 15 ? 10.234  2.240   9.346   1.00 11.67 ? 15  GLU A OE1 1 
ATOM   113 O OE2 . GLU A 1 15 ? 11.839  3.193   10.577  1.00 11.09 ? 15  GLU A OE2 1 
ATOM   114 N N   . GLU A 1 16 ? 9.587   7.060   5.940   1.00 7.25  ? 16  GLU A N   1 
ATOM   115 C CA  . GLU A 1 16 ? 10.480  7.944   5.151   1.00 8.36  ? 16  GLU A CA  1 
ATOM   116 C C   . GLU A 1 16 ? 9.762   8.749   4.057   1.00 8.19  ? 16  GLU A C   1 
ATOM   117 O O   . GLU A 1 16 ? 8.621   8.495   3.798   1.00 5.31  ? 16  GLU A O   1 
ATOM   118 C CB  . GLU A 1 16 ? 11.687  7.168   4.618   1.00 13.27 ? 16  GLU A CB  1 
ATOM   119 C CG  . GLU A 1 16 ? 11.368  5.848   3.982   1.00 16.03 ? 16  GLU A CG  1 
ATOM   120 C CD  . GLU A 1 16 ? 12.592  5.185   3.355   1.00 20.64 ? 16  GLU A CD  1 
ATOM   121 O OE1 . GLU A 1 16 ? 13.352  4.504   4.084   1.00 23.87 ? 16  GLU A OE1 1 
ATOM   122 O OE2 . GLU A 1 16 ? 12.770  5.326   2.119   1.00 21.51 ? 16  GLU A OE2 1 
ATOM   123 N N   . SER A 1 17 ? 10.422  9.740   3.459   1.00 8.63  ? 17  SER A N   1 
ATOM   124 C CA  . SER A 1 17 ? 9.727   10.753  2.657   1.00 10.17 ? 17  SER A CA  1 
ATOM   125 C C   . SER A 1 17 ? 9.015   10.205  1.422   1.00 9.21  ? 17  SER A C   1 
ATOM   126 O O   . SER A 1 17 ? 7.958   10.712  1.010   1.00 11.69 ? 17  SER A O   1 
ATOM   127 C CB  . SER A 1 17 ? 10.693  11.852  2.230   1.00 8.85  ? 17  SER A CB  1 
ATOM   128 O OG  . SER A 1 17 ? 11.853  11.309  1.638   1.00 14.78 ? 17  SER A OG  1 
ATOM   129 N N   . GLY A 1 18 ? 9.527   9.130   0.863   1.00 6.39  ? 18  GLY A N   1 
ATOM   130 C CA  . GLY A 1 18 ? 8.843   8.540   -0.291  1.00 4.77  ? 18  GLY A CA  1 
ATOM   131 C C   . GLY A 1 18 ? 7.708   7.538   -0.035  1.00 4.25  ? 18  GLY A C   1 
ATOM   132 O O   . GLY A 1 18 ? 7.199   6.896   -0.949  1.00 4.46  ? 18  GLY A O   1 
ATOM   133 N N   . ASP A 1 19 ? 7.336   7.359   1.229   1.00 5.17  ? 19  ASP A N   1 
ATOM   134 C CA  . ASP A 1 19 ? 6.262   6.459   1.597   1.00 5.87  ? 19  ASP A CA  1 
ATOM   135 C C   . ASP A 1 19 ? 4.899   7.135   1.382   1.00 3.49  ? 19  ASP A C   1 
ATOM   136 O O   . ASP A 1 19 ? 4.808   8.382   1.275   1.00 5.16  ? 19  ASP A O   1 
ATOM   137 C CB  . ASP A 1 19 ? 6.389   6.048   3.067   1.00 3.63  ? 19  ASP A CB  1 
ATOM   138 C CG  . ASP A 1 19 ? 7.575   5.182   3.357   1.00 5.70  ? 19  ASP A CG  1 
ATOM   139 O OD1 . ASP A 1 19 ? 8.242   4.686   2.416   1.00 5.55  ? 19  ASP A OD1 1 
ATOM   140 O OD2 . ASP A 1 19 ? 7.888   4.930   4.528   1.00 5.74  ? 19  ASP A OD2 1 
ATOM   141 N N   . LEU A 1 20 ? 3.851   6.297   1.346   1.00 3.01  ? 20  LEU A N   1 
ATOM   142 C CA  . LEU A 1 20 ? 2.457   6.712   1.051   1.00 2.80  ? 20  LEU A CA  1 
ATOM   143 C C   . LEU A 1 20 ? 1.548   6.465   2.230   1.00 3.72  ? 20  LEU A C   1 
ATOM   144 O O   . LEU A 1 20 ? 1.020   5.361   2.356   1.00 5.51  ? 20  LEU A O   1 
ATOM   145 C CB  . LEU A 1 20 ? 1.965   5.948   -0.165  1.00 4.17  ? 20  LEU A CB  1 
ATOM   146 C CG  . LEU A 1 20 ? 0.565   6.298   -0.685  1.00 4.44  ? 20  LEU A CG  1 
ATOM   147 C CD1 . LEU A 1 20 ? 0.688   7.569   -1.499  1.00 5.85  ? 20  LEU A CD1 1 
ATOM   148 C CD2 . LEU A 1 20 ? -0.026  5.182   -1.546  1.00 6.47  ? 20  LEU A CD2 1 
ATOM   149 N N   . PRO A 1 21 ? 1.391   7.432   3.130   1.00 4.26  ? 21  PRO A N   1 
ATOM   150 C CA  . PRO A 1 21 ? 0.490   7.235   4.270   1.00 4.28  ? 21  PRO A CA  1 
ATOM   151 C C   . PRO A 1 21 ? -0.999  7.096   3.889   1.00 4.35  ? 21  PRO A C   1 
ATOM   152 O O   . PRO A 1 21 ? -1.470  7.668   2.906   1.00 4.06  ? 21  PRO A O   1 
ATOM   153 C CB  . PRO A 1 21 ? 0.715   8.499   5.093   1.00 4.12  ? 21  PRO A CB  1 
ATOM   154 C CG  . PRO A 1 21 ? 2.047   9.005   4.671   1.00 4.74  ? 21  PRO A CG  1 
ATOM   155 C CD  . PRO A 1 21 ? 2.051   8.749   3.207   1.00 4.50  ? 21  PRO A CD  1 
ATOM   156 N N   . PHE A 1 22 ? -1.725  6.301   4.682   1.00 5.06  ? 22  PHE A N   1 
ATOM   157 C CA  . PHE A 1 22 ? -3.181  6.128   4.513   1.00 3.88  ? 22  PHE A CA  1 
ATOM   158 C C   . PHE A 1 22 ? -3.808  5.527   5.777   1.00 4.11  ? 22  PHE A C   1 
ATOM   159 O O   . PHE A 1 22 ? -3.113  5.081   6.696   1.00 5.97  ? 22  PHE A O   1 
ATOM   160 C CB  . PHE A 1 22 ? -3.541  5.291   3.283   1.00 3.74  ? 22  PHE A CB  1 
ATOM   161 C CG  . PHE A 1 22 ? -2.831  3.952   3.170   1.00 3.87  ? 22  PHE A CG  1 
ATOM   162 C CD1 . PHE A 1 22 ? -3.207  2.854   3.910   1.00 4.03  ? 22  PHE A CD1 1 
ATOM   163 C CD2 . PHE A 1 22 ? -1.795  3.812   2.262   1.00 5.62  ? 22  PHE A CD2 1 
ATOM   164 C CE1 . PHE A 1 22 ? -2.539  1.610   3.784   1.00 5.86  ? 22  PHE A CE1 1 
ATOM   165 C CE2 . PHE A 1 22 ? -1.123  2.543   2.100   1.00 5.48  ? 22  PHE A CE2 1 
ATOM   166 C CZ  . PHE A 1 22 ? -1.538  1.454   2.859   1.00 5.59  ? 22  PHE A CZ  1 
ATOM   167 N N   . ARG A 1 23 ? -5.129  5.640   5.850   1.00 3.38  ? 23  ARG A N   1 
ATOM   168 C CA  . ARG A 1 23 ? -5.925  5.076   6.937   1.00 4.83  ? 23  ARG A CA  1 
ATOM   169 C C   . ARG A 1 23 ? -6.755  3.899   6.396   1.00 4.18  ? 23  ARG A C   1 
ATOM   170 O O   . ARG A 1 23 ? -7.079  3.857   5.215   1.00 4.11  ? 23  ARG A O   1 
ATOM   171 C CB  . ARG A 1 23 ? -6.872  6.125   7.496   1.00 8.11  ? 23  ARG A CB  1 
ATOM   172 C CG  . ARG A 1 23 ? -6.209  7.422   7.999   1.00 11.25 ? 23  ARG A CG  1 
ATOM   173 C CD  . ARG A 1 23 ? -5.178  7.265   9.101   1.00 17.86 ? 23  ARG A CD  1 
ATOM   174 N NE  . ARG A 1 23 ? -5.752  6.732   10.328  1.00 23.12 ? 23  ARG A NE  1 
ATOM   175 C CZ  . ARG A 1 23 ? -5.061  6.320   11.399  1.00 26.86 ? 23  ARG A CZ  1 
ATOM   176 N NH1 . ARG A 1 23 ? -3.720  6.405   11.459  1.00 26.11 ? 23  ARG A NH1 1 
ATOM   177 N NH2 . ARG A 1 23 ? -5.736  5.824   12.427  1.00 28.82 ? 23  ARG A NH2 1 
ATOM   178 N N   . LYS A 1 24 ? -7.118  2.971   7.286   1.00 4.94  ? 24  LYS A N   1 
ATOM   179 C CA  . LYS A 1 24 ? -8.070  1.913   6.963   1.00 5.44  ? 24  LYS A CA  1 
ATOM   180 C C   . LYS A 1 24 ? -9.283  2.455   6.192   1.00 3.73  ? 24  LYS A C   1 
ATOM   181 O O   . LYS A 1 24 ? -9.919  3.427   6.597   1.00 3.79  ? 24  LYS A O   1 
ATOM   182 C CB  . LYS A 1 24 ? -8.564  1.226   8.237   1.00 5.96  ? 24  LYS A CB  1 
ATOM   183 C CG  . LYS A 1 24 ? -9.543  0.109   7.968   1.00 8.29  ? 24  LYS A CG  1 
ATOM   184 C CD  . LYS A 1 24 ? -9.923  -0.615  9.226   1.00 13.67 ? 24  LYS A CD  1 
ATOM   185 C CE  . LYS A 1 24 ? -11.262 -1.308  9.078   1.00 13.49 ? 24  LYS A CE  1 
ATOM   186 N NZ  . LYS A 1 24 ? -11.348 -2.564  9.884   1.00 18.26 ? 24  LYS A NZ  1 
ATOM   187 N N   . GLY A 1 25 ? -9.593  1.790   5.081   1.00 3.82  ? 25  GLY A N   1 
ATOM   188 C CA  . GLY A 1 25 ? -10.730 2.161   4.264   1.00 3.63  ? 25  GLY A CA  1 
ATOM   189 C C   . GLY A 1 25 ? -10.434 3.117   3.132   1.00 3.04  ? 25  GLY A C   1 
ATOM   190 O O   . GLY A 1 25 ? -11.318 3.328   2.302   1.00 4.28  ? 25  GLY A O   1 
ATOM   191 N N   . ASP A 1 26 ? -9.211  3.659   3.061   1.00 2.28  ? 26  ASP A N   1 
ATOM   192 C CA  . ASP A 1 26 ? -8.869  4.630   2.028   1.00 2.56  ? 26  ASP A CA  1 
ATOM   193 C C   . ASP A 1 26 ? -8.727  3.859   0.702   1.00 5.69  ? 26  ASP A C   1 
ATOM   194 O O   . ASP A 1 26 ? -8.284  2.695   0.699   1.00 6.10  ? 26  ASP A O   1 
ATOM   195 C CB  . ASP A 1 26 ? -7.563  5.354   2.366   1.00 3.74  ? 26  ASP A CB  1 
ATOM   196 C CG  . ASP A 1 26 ? -7.718  6.499   3.365   1.00 3.64  ? 26  ASP A CG  1 
ATOM   197 O OD1 . ASP A 1 26 ? -8.837  6.883   3.740   1.00 5.98  ? 26  ASP A OD1 1 
ATOM   198 O OD2 . ASP A 1 26 ? -6.618  7.011   3.819   1.00 5.15  ? 26  ASP A OD2 1 
ATOM   199 N N   . VAL A 1 27 ? -9.087  4.517   -0.402  1.00 4.37  ? 27  VAL A N   1 
ATOM   200 C CA  . VAL A 1 27 ? -9.078  3.915   -1.734  1.00 5.30  ? 27  VAL A CA  1 
ATOM   201 C C   . VAL A 1 27 ? -7.831  4.426   -2.458  1.00 3.71  ? 27  VAL A C   1 
ATOM   202 O O   . VAL A 1 27 ? -7.758  5.597   -2.829  1.00 4.90  ? 27  VAL A O   1 
ATOM   203 C CB  . VAL A 1 27 ? -10.328 4.265   -2.546  1.00 4.34  ? 27  VAL A CB  1 
ATOM   204 C CG1 . VAL A 1 27 ? -10.250 3.647   -3.945  1.00 5.52  ? 27  VAL A CG1 1 
ATOM   205 C CG2 . VAL A 1 27 ? -11.636 3.795   -1.839  1.00 4.46  ? 27  VAL A CG2 1 
ATOM   206 N N   . ILE A 1 28 ? -6.903  3.517   -2.692  1.00 2.83  ? 28  ILE A N   1 
ATOM   207 C CA  . ILE A 1 28 ? -5.583  3.802   -3.264  1.00 3.92  ? 28  ILE A CA  1 
ATOM   208 C C   . ILE A 1 28 ? -5.591  3.454   -4.752  1.00 3.74  ? 28  ILE A C   1 
ATOM   209 O O   . ILE A 1 28 ? -6.037  2.381   -5.130  1.00 4.14  ? 28  ILE A O   1 
ATOM   210 C CB  . ILE A 1 28 ? -4.510  2.984   -2.554  1.00 6.11  ? 28  ILE A CB  1 
ATOM   211 C CG1 . ILE A 1 28 ? -4.458  3.293   -1.036  1.00 7.11  ? 28  ILE A CG1 1 
ATOM   212 C CG2 . ILE A 1 28 ? -3.095  3.183   -3.175  1.00 6.61  ? 28  ILE A CG2 1 
ATOM   213 C CD1 . ILE A 1 28 ? -3.878  2.109   -0.194  1.00 9.52  ? 28  ILE A CD1 1 
ATOM   214 N N   . THR A 1 29 ? -5.140  4.371   -5.603  1.00 3.08  ? 29  THR A N   1 
ATOM   215 C CA  . THR A 1 29 ? -4.881  4.098   -6.999  1.00 3.13  ? 29  THR A CA  1 
ATOM   216 C C   . THR A 1 29 ? -3.546  3.416   -7.142  1.00 5.05  ? 29  THR A C   1 
ATOM   217 O O   . THR A 1 29 ? -2.528  3.974   -6.758  1.00 5.39  ? 29  THR A O   1 
ATOM   218 C CB  . THR A 1 29 ? -4.940  5.403   -7.815  1.00 3.84  ? 29  THR A CB  1 
ATOM   219 O OG1 . THR A 1 29 ? -6.277  5.963   -7.703  1.00 4.68  ? 29  THR A OG1 1 
ATOM   220 C CG2 . THR A 1 29 ? -4.718  5.114   -9.309  1.00 5.60  ? 29  THR A CG2 1 
ATOM   221 N N   . ILE A 1 30 ? -3.530  2.189   -7.621  1.00 4.80  ? 30  ILE A N   1 
ATOM   222 C CA  . ILE A 1 30 ? -2.279  1.450   -7.776  1.00 5.54  ? 30  ILE A CA  1 
ATOM   223 C C   . ILE A 1 30 ? -1.600  1.830   -9.102  1.00 4.58  ? 30  ILE A C   1 
ATOM   224 O O   . ILE A 1 30 ? -2.163  1.606   -10.166 1.00 6.04  ? 30  ILE A O   1 
ATOM   225 C CB  . ILE A 1 30 ? -2.555  -0.099  -7.712  1.00 5.93  ? 30  ILE A CB  1 
ATOM   226 C CG1 . ILE A 1 30 ? -3.233  -0.528  -6.398  1.00 9.47  ? 30  ILE A CG1 1 
ATOM   227 C CG2 . ILE A 1 30 ? -1.266  -0.886  -7.940  1.00 8.46  ? 30  ILE A CG2 1 
ATOM   228 C CD1 . ILE A 1 30 ? -2.465  -0.257  -5.190  1.00 12.62 ? 30  ILE A CD1 1 
ATOM   229 N N   . LEU A 1 31 ? -0.401  2.427   -9.002  1.00 4.01  ? 31  LEU A N   1 
ATOM   230 C CA  . LEU A 1 31 ? 0.374   2.881   -10.166 1.00 4.17  ? 31  LEU A CA  1 
ATOM   231 C C   . LEU A 1 31 ? 1.436   1.857   -10.627 1.00 2.03  ? 31  LEU A C   1 
ATOM   232 O O   . LEU A 1 31 ? 1.713   1.770   -11.808 1.00 3.81  ? 31  LEU A O   1 
ATOM   233 C CB  . LEU A 1 31 ? 1.032   4.237   -9.887  1.00 6.26  ? 31  LEU A CB  1 
ATOM   234 C CG  . LEU A 1 31 ? 0.145   5.404   -9.443  1.00 8.01  ? 31  LEU A CG  1 
ATOM   235 C CD1 . LEU A 1 31 ? 1.041   6.589   -9.068  1.00 9.16  ? 31  LEU A CD1 1 
ATOM   236 C CD2 . LEU A 1 31 ? -0.780  5.797   -10.517 1.00 8.44  ? 31  LEU A CD2 1 
ATOM   237 N N   . LYS A 1 32 ? 1.936   1.049   -9.704  1.00 3.47  ? 32  LYS A N   1 
ATOM   238 C CA  . LYS A 1 32 ? 2.910   -0.009  -10.025 1.00 3.43  ? 32  LYS A CA  1 
ATOM   239 C C   . LYS A 1 32 ? 2.755   -1.107  -8.980  1.00 3.83  ? 32  LYS A C   1 
ATOM   240 O O   . LYS A 1 32 ? 2.678   -0.834  -7.804  1.00 5.42  ? 32  LYS A O   1 
ATOM   241 C CB  A LYS A 1 32 ? 4.381   0.466   -10.017 0.50 4.71  ? 32  LYS A CB  1 
ATOM   242 C CB  B LYS A 1 32 ? 4.345   0.555   -10.069 0.50 5.37  ? 32  LYS A CB  1 
ATOM   243 C CG  A LYS A 1 32 ? 4.683   1.737   -10.749 0.50 6.84  ? 32  LYS A CG  1 
ATOM   244 C CG  B LYS A 1 32 ? 5.328   -0.325  -10.803 0.50 9.06  ? 32  LYS A CG  1 
ATOM   245 C CD  A LYS A 1 32 ? 6.176   2.042   -10.725 0.50 8.08  ? 32  LYS A CD  1 
ATOM   246 C CD  B LYS A 1 32 ? 6.650   0.394   -11.077 0.50 11.74 ? 32  LYS A CD  1 
ATOM   247 C CE  A LYS A 1 32 ? 6.444   3.482   -11.127 0.50 12.90 ? 32  LYS A CE  1 
ATOM   248 C CE  B LYS A 1 32 ? 7.770   -0.589  -11.383 0.50 13.40 ? 32  LYS A CE  1 
ATOM   249 N NZ  A LYS A 1 32 ? 7.827   3.678   -11.635 0.50 13.40 ? 32  LYS A NZ  1 
ATOM   250 N NZ  B LYS A 1 32 ? 8.394   -1.048  -10.107 0.50 17.03 ? 32  LYS A NZ  1 
ATOM   251 N N   . LYS A 1 33 ? 2.681   -2.357  -9.434  1.00 3.64  ? 33  LYS A N   1 
ATOM   252 C CA  . LYS A 1 33 ? 2.623   -3.489  -8.519  1.00 3.22  ? 33  LYS A CA  1 
ATOM   253 C C   . LYS A 1 33 ? 3.419   -4.647  -9.084  1.00 3.41  ? 33  LYS A C   1 
ATOM   254 O O   . LYS A 1 33 ? 3.863   -4.632  -10.239 1.00 3.86  ? 33  LYS A O   1 
ATOM   255 C CB  . LYS A 1 33 ? 1.154   -3.876  -8.286  1.00 4.20  ? 33  LYS A CB  1 
ATOM   256 C CG  . LYS A 1 33 ? 0.460   -4.460  -9.524  1.00 5.09  ? 33  LYS A CG  1 
ATOM   257 C CD  . LYS A 1 33 ? -0.976  -4.896  -9.294  1.00 5.88  ? 33  LYS A CD  1 
ATOM   258 C CE  . LYS A 1 33 ? -1.020  -6.231  -8.554  1.00 7.97  ? 33  LYS A CE  1 
ATOM   259 N NZ  . LYS A 1 33 ? -0.563  -7.345  -9.431  1.00 9.49  ? 33  LYS A NZ  1 
ATOM   260 N N   . SER A 1 34 ? 3.579   -5.671  -8.258  1.00 3.89  ? 34  SER A N   1 
ATOM   261 C CA  . SER A 1 34 ? 4.149   -6.975  -8.631  1.00 3.24  ? 34  SER A CA  1 
ATOM   262 C C   . SER A 1 34 ? 3.081   -8.079  -8.397  1.00 3.73  ? 34  SER A C   1 
ATOM   263 O O   . SER A 1 34 ? 1.960   -7.807  -7.933  1.00 4.25  ? 34  SER A O   1 
ATOM   264 C CB  . SER A 1 34 ? 5.369   -7.274  -7.770  1.00 5.63  ? 34  SER A CB  1 
ATOM   265 O OG  . SER A 1 34 ? 4.974   -7.579  -6.436  1.00 4.76  ? 34  SER A OG  1 
ATOM   266 N N   . ASP A 1 35 ? 3.436   -9.341  -8.673  1.00 3.16  ? 35  ASP A N   1 
ATOM   267 C CA  . ASP A 1 35 ? 2.546   -10.470 -8.403  1.00 4.90  ? 35  ASP A CA  1 
ATOM   268 C C   . ASP A 1 35 ? 2.447   -10.809 -6.915  1.00 6.26  ? 35  ASP A C   1 
ATOM   269 O O   . ASP A 1 35 ? 1.667   -11.663 -6.525  1.00 6.66  ? 35  ASP A O   1 
ATOM   270 C CB  . ASP A 1 35 ? 3.075   -11.736 -9.085  1.00 4.82  ? 35  ASP A CB  1 
ATOM   271 C CG  . ASP A 1 35 ? 2.846   -11.765 -10.609 1.00 5.68  ? 35  ASP A CG  1 
ATOM   272 O OD1 . ASP A 1 35 ? 2.173   -10.851 -11.154 1.00 5.40  ? 35  ASP A OD1 1 
ATOM   273 O OD2 . ASP A 1 35 ? 3.350   -12.696 -11.297 1.00 6.60  ? 35  ASP A OD2 1 
ATOM   274 N N   . SER A 1 36 ? 3.266   -10.200 -6.087  1.00 2.78  ? 36  SER A N   1 
ATOM   275 C CA  . SER A 1 36 ? 3.332   -10.551 -4.663  1.00 2.03  ? 36  SER A CA  1 
ATOM   276 C C   . SER A 1 36 ? 2.735   -9.496  -3.749  1.00 3.89  ? 36  SER A C   1 
ATOM   277 O O   . SER A 1 36 ? 3.005   -8.305  -3.937  1.00 5.91  ? 36  SER A O   1 
ATOM   278 C CB  . SER A 1 36 ? 4.801   -10.716 -4.263  1.00 2.55  ? 36  SER A CB  1 
ATOM   279 O OG  . SER A 1 36 ? 4.924   -11.119 -2.907  1.00 3.38  ? 36  SER A OG  1 
ATOM   280 N N   . GLN A 1 37 ? 1.942   -9.941  -2.766  1.00 3.21  ? 37  GLN A N   1 
ATOM   281 C CA  . GLN A 1 37 ? 1.506   -9.066  -1.681  1.00 5.51  ? 37  GLN A CA  1 
ATOM   282 C C   . GLN A 1 37 ? 2.535   -8.972  -0.532  1.00 7.08  ? 37  GLN A C   1 
ATOM   283 O O   . GLN A 1 37 ? 2.509   -8.017  0.274   1.00 8.55  ? 37  GLN A O   1 
ATOM   284 C CB  . GLN A 1 37 ? 0.125   -9.452  -1.158  1.00 9.25  ? 37  GLN A CB  1 
ATOM   285 C CG  . GLN A 1 37 ? -0.883  -8.926  -2.108  1.00 14.79 ? 37  GLN A CG  1 
ATOM   286 C CD  . GLN A 1 37 ? -2.276  -9.445  -1.881  1.00 22.16 ? 37  GLN A CD  1 
ATOM   287 O OE1 . GLN A 1 37 ? -2.530  -10.220 -0.955  1.00 27.97 ? 37  GLN A OE1 1 
ATOM   288 N NE2 . GLN A 1 37 ? -3.190  -9.017  -2.734  1.00 23.74 ? 37  GLN A NE2 1 
ATOM   289 N N   . ASN A 1 38 ? 3.512   -9.855  -0.546  1.00 3.61  ? 38  ASN A N   1 
ATOM   290 C CA  . ASN A 1 38 ? 4.640   -9.811  0.380   1.00 4.91  ? 38  ASN A CA  1 
ATOM   291 C C   . ASN A 1 38 ? 5.773   -8.991  -0.268  1.00 3.20  ? 38  ASN A C   1 
ATOM   292 O O   . ASN A 1 38 ? 6.896   -9.454  -0.471  1.00 3.90  ? 38  ASN A O   1 
ATOM   293 C CB  . ASN A 1 38 ? 5.061   -11.245 0.692   1.00 3.16  ? 38  ASN A CB  1 
ATOM   294 C CG  . ASN A 1 38 ? 6.255   -11.349 1.633   1.00 4.51  ? 38  ASN A CG  1 
ATOM   295 O OD1 . ASN A 1 38 ? 6.347   -10.625 2.631   1.00 3.67  ? 38  ASN A OD1 1 
ATOM   296 N ND2 . ASN A 1 38 ? 7.155   -12.280 1.329   1.00 4.18  ? 38  ASN A ND2 1 
ATOM   297 N N   . ASP A 1 39 ? 5.444   -7.734  -0.545  1.00 3.37  ? 39  ASP A N   1 
ATOM   298 C CA  . ASP A 1 39 ? 6.265   -6.812  -1.364  1.00 4.56  ? 39  ASP A CA  1 
ATOM   299 C C   . ASP A 1 39 ? 5.717   -5.401  -1.112  1.00 4.44  ? 39  ASP A C   1 
ATOM   300 O O   . ASP A 1 39 ? 4.698   -5.259  -0.435  1.00 4.22  ? 39  ASP A O   1 
ATOM   301 C CB  . ASP A 1 39 ? 6.135   -7.197  -2.838  1.00 4.33  ? 39  ASP A CB  1 
ATOM   302 C CG  . ASP A 1 39 ? 7.193   -6.593  -3.750  1.00 5.40  ? 39  ASP A CG  1 
ATOM   303 O OD1 . ASP A 1 39 ? 8.166   -5.918  -3.318  1.00 5.94  ? 39  ASP A OD1 1 
ATOM   304 O OD2 . ASP A 1 39 ? 7.124   -6.815  -4.982  1.00 7.87  ? 39  ASP A OD2 1 
ATOM   305 N N   . TRP A 1 40 ? 6.380   -4.367  -1.637  1.00 5.00  ? 40  TRP A N   1 
ATOM   306 C CA  . TRP A 1 40 ? 5.863   -3.004  -1.575  1.00 4.40  ? 40  TRP A CA  1 
ATOM   307 C C   . TRP A 1 40 ? 5.480   -2.580  -2.987  1.00 4.28  ? 40  TRP A C   1 
ATOM   308 O O   . TRP A 1 40 ? 6.184   -2.882  -3.963  1.00 6.63  ? 40  TRP A O   1 
ATOM   309 C CB  . TRP A 1 40 ? 6.887   -2.032  -1.015  1.00 4.16  ? 40  TRP A CB  1 
ATOM   310 C CG  . TRP A 1 40 ? 7.210   -2.219  0.443   1.00 3.94  ? 40  TRP A CG  1 
ATOM   311 C CD1 . TRP A 1 40 ? 7.590   -3.385  1.061   1.00 4.87  ? 40  TRP A CD1 1 
ATOM   312 C CD2 . TRP A 1 40 ? 7.143   -1.238  1.460   1.00 3.60  ? 40  TRP A CD2 1 
ATOM   313 N NE1 . TRP A 1 40 ? 7.753   -3.180  2.414   1.00 4.97  ? 40  TRP A NE1 1 
ATOM   314 C CE2 . TRP A 1 40 ? 7.464   -1.867  2.694   1.00 4.17  ? 40  TRP A CE2 1 
ATOM   315 C CE3 . TRP A 1 40 ? 6.810   0.136   1.482   1.00 5.16  ? 40  TRP A CE3 1 
ATOM   316 C CZ2 . TRP A 1 40 ? 7.511   -1.162  3.917   1.00 3.98  ? 40  TRP A CZ2 1 
ATOM   317 C CZ3 . TRP A 1 40 ? 6.851   0.808   2.675   1.00 5.67  ? 40  TRP A CZ3 1 
ATOM   318 C CH2 . TRP A 1 40 ? 7.208   0.164   3.878   1.00 3.28  ? 40  TRP A CH2 1 
ATOM   319 N N   . TRP A 1 41 ? 4.333   -1.915  -3.095  1.00 4.89  ? 41  TRP A N   1 
ATOM   320 C CA  . TRP A 1 41 ? 3.818   -1.391  -4.348  1.00 4.46  ? 41  TRP A CA  1 
ATOM   321 C C   . TRP A 1 41 ? 3.867   0.159   -4.341  1.00 5.39  ? 41  TRP A C   1 
ATOM   322 O O   . TRP A 1 41 ? 4.148   0.777   -3.301  1.00 6.22  ? 41  TRP A O   1 
ATOM   323 C CB  . TRP A 1 41 ? 2.375   -1.872  -4.555  1.00 4.14  ? 41  TRP A CB  1 
ATOM   324 C CG  . TRP A 1 41 ? 2.225   -3.385  -4.723  1.00 4.41  ? 41  TRP A CG  1 
ATOM   325 C CD1 . TRP A 1 41 ? 3.187   -4.286  -4.944  1.00 3.90  ? 41  TRP A CD1 1 
ATOM   326 C CD2 . TRP A 1 41 ? 1.007   -4.107  -4.701  1.00 3.83  ? 41  TRP A CD2 1 
ATOM   327 N NE1 . TRP A 1 41 ? 2.653   -5.556  -5.065  1.00 4.22  ? 41  TRP A NE1 1 
ATOM   328 C CE2 . TRP A 1 41 ? 1.296   -5.460  -4.916  1.00 3.79  ? 41  TRP A CE2 1 
ATOM   329 C CE3 . TRP A 1 41 ? -0.334  -3.744  -4.525  1.00 4.80  ? 41  TRP A CE3 1 
ATOM   330 C CZ2 . TRP A 1 41 ? 0.282   -6.457  -4.946  1.00 5.04  ? 41  TRP A CZ2 1 
ATOM   331 C CZ3 . TRP A 1 41 ? -1.314  -4.712  -4.539  1.00 6.67  ? 41  TRP A CZ3 1 
ATOM   332 C CH2 . TRP A 1 41 ? -1.009  -6.047  -4.759  1.00 5.58  ? 41  TRP A CH2 1 
ATOM   333 N N   . THR A 1 42 ? 3.583   0.764   -5.495  1.00 4.42  ? 42  THR A N   1 
ATOM   334 C CA  . THR A 1 42 ? 3.505   2.219   -5.647  1.00 4.34  ? 42  THR A CA  1 
ATOM   335 C C   . THR A 1 42 ? 2.047   2.639   -5.874  1.00 4.22  ? 42  THR A C   1 
ATOM   336 O O   . THR A 1 42 ? 1.369   2.066   -6.720  1.00 5.70  ? 42  THR A O   1 
ATOM   337 C CB  . THR A 1 42 ? 4.379   2.684   -6.825  1.00 4.74  ? 42  THR A CB  1 
ATOM   338 O OG1 . THR A 1 42 ? 5.730   2.247   -6.627  1.00 6.58  ? 42  THR A OG1 1 
ATOM   339 C CG2 . THR A 1 42 ? 4.433   4.174   -6.915  1.00 6.53  ? 42  THR A CG2 1 
ATOM   340 N N   . GLY A 1 43 ? 1.585   3.672   -5.169  1.00 4.62  ? 43  GLY A N   1 
ATOM   341 C CA  . GLY A 1 43 ? 0.188   4.105   -5.258  1.00 5.29  ? 43  GLY A CA  1 
ATOM   342 C C   . GLY A 1 43 ? 0.064   5.618   -5.117  1.00 3.09  ? 43  GLY A C   1 
ATOM   343 O O   . GLY A 1 43 ? 1.020   6.324   -4.874  1.00 4.00  ? 43  GLY A O   1 
ATOM   344 N N   . ARG A 1 44 ? -1.164  6.101   -5.309  1.00 3.66  ? 44  ARG A N   1 
ATOM   345 C CA  . ARG A 1 44 ? -1.554  7.490   -5.150  1.00 3.81  ? 44  ARG A CA  1 
ATOM   346 C C   . ARG A 1 44 ? -2.803  7.520   -4.276  1.00 4.20  ? 44  ARG A C   1 
ATOM   347 O O   . ARG A 1 44 ? -3.777  6.821   -4.562  1.00 4.21  ? 44  ARG A O   1 
ATOM   348 C CB  . ARG A 1 44 ? -1.818  8.167   -6.502  1.00 6.37  ? 44  ARG A CB  1 
ATOM   349 C CG  . ARG A 1 44 ? -2.234  9.607   -6.414  1.00 10.23 ? 44  ARG A CG  1 
ATOM   350 C CD  . ARG A 1 44 ? -1.958  10.366  -7.704  1.00 16.33 ? 44  ARG A CD  1 
ATOM   351 N NE  . ARG A 1 44 ? -2.842  9.945   -8.783  1.00 18.30 ? 44  ARG A NE  1 
ATOM   352 C CZ  . ARG A 1 44 ? -2.560  9.918   -10.102 1.00 18.46 ? 44  ARG A CZ  1 
ATOM   353 N NH1 . ARG A 1 44 ? -3.521  9.543   -10.945 1.00 22.11 ? 44  ARG A NH1 1 
ATOM   354 N NH2 . ARG A 1 44 ? -1.344  10.231  -10.597 1.00 15.41 ? 44  ARG A NH2 1 
ATOM   355 N N   . VAL A 1 45 ? -2.769  8.293   -3.205  1.00 2.69  ? 45  VAL A N   1 
ATOM   356 C CA  . VAL A 1 45 ? -3.920  8.474   -2.305  1.00 3.26  ? 45  VAL A CA  1 
ATOM   357 C C   . VAL A 1 45 ? -3.659  9.707   -1.453  1.00 3.90  ? 45  VAL A C   1 
ATOM   358 O O   . VAL A 1 45 ? -2.499  10.044  -1.182  1.00 3.70  ? 45  VAL A O   1 
ATOM   359 C CB  . VAL A 1 45 ? -4.156  7.202   -1.426  1.00 3.96  ? 45  VAL A CB  1 
ATOM   360 C CG1 . VAL A 1 45 ? -3.111  7.039   -0.348  1.00 4.78  ? 45  VAL A CG1 1 
ATOM   361 C CG2 . VAL A 1 45 ? -5.591  7.139   -0.870  1.00 4.08  ? 45  VAL A CG2 1 
ATOM   362 N N   . ASN A 1 46 ? -4.721  10.341  -1.012  1.00 4.72  ? 46  ASN A N   1 
ATOM   363 C CA  . ASN A 1 46 ? -4.659  11.468  -0.076  1.00 5.01  ? 46  ASN A CA  1 
ATOM   364 C C   . ASN A 1 46 ? -3.702  12.585  -0.569  1.00 4.49  ? 46  ASN A C   1 
ATOM   365 O O   . ASN A 1 46 ? -3.072  13.283  0.260   1.00 4.77  ? 46  ASN A O   1 
ATOM   366 C CB  . ASN A 1 46 ? -4.247  10.955  1.309   1.00 5.20  ? 46  ASN A CB  1 
ATOM   367 C CG  . ASN A 1 46 ? -5.248  9.978   1.883   1.00 4.62  ? 46  ASN A CG  1 
ATOM   368 O OD1 . ASN A 1 46 ? -6.443  10.127  1.647   1.00 7.35  ? 46  ASN A OD1 1 
ATOM   369 N ND2 . ASN A 1 46 ? -4.752  8.946   2.571   1.00 6.96  ? 46  ASN A ND2 1 
ATOM   370 N N   . GLY A 1 47 ? -3.574  12.750  -1.885  1.00 2.80  ? 47  GLY A N   1 
ATOM   371 C CA  . GLY A 1 47 ? -2.787  13.853  -2.436  1.00 2.03  ? 47  GLY A CA  1 
ATOM   372 C C   . GLY A 1 47 ? -1.306  13.541  -2.598  1.00 2.03  ? 47  GLY A C   1 
ATOM   373 O O   . GLY A 1 47 ? -0.541  14.435  -2.984  1.00 2.03  ? 47  GLY A O   1 
ATOM   374 N N   . ARG A 1 48 ? -0.917  12.287  -2.364  1.00 2.95  ? 48  ARG A N   1 
ATOM   375 C CA  . ARG A 1 48 ? 0.485   11.886  -2.463  1.00 2.21  ? 48  ARG A CA  1 
ATOM   376 C C   . ARG A 1 48 ? 0.654   10.659  -3.350  1.00 3.19  ? 48  ARG A C   1 
ATOM   377 O O   . ARG A 1 48 ? -0.296  9.934   -3.606  1.00 4.28  ? 48  ARG A O   1 
ATOM   378 C CB  . ARG A 1 48 ? 1.016   11.530  -1.076  1.00 2.03  ? 48  ARG A CB  1 
ATOM   379 C CG  . ARG A 1 48 ? 0.810   12.575  -0.009  1.00 2.73  ? 48  ARG A CG  1 
ATOM   380 C CD  . ARG A 1 48 ? 1.465   12.195  1.314   1.00 5.38  ? 48  ARG A CD  1 
ATOM   381 N NE  . ARG A 1 48 ? 0.977   12.993  2.430   1.00 4.77  ? 48  ARG A NE  1 
ATOM   382 C CZ  . ARG A 1 48 ? -0.099  12.696  3.150   1.00 2.97  ? 48  ARG A CZ  1 
ATOM   383 N NH1 . ARG A 1 48 ? -0.473  13.499  4.126   1.00 4.10  ? 48  ARG A NH1 1 
ATOM   384 N NH2 . ARG A 1 48 ? -0.823  11.623  2.881   1.00 6.25  ? 48  ARG A NH2 1 
ATOM   385 N N   . GLU A 1 49 ? 1.895   10.458  -3.806  1.00 4.06  ? 49  GLU A N   1 
ATOM   386 C CA  . GLU A 1 49 ? 2.356   9.272   -4.518  1.00 4.09  ? 49  GLU A CA  1 
ATOM   387 C C   . GLU A 1 49 ? 3.573   8.687   -3.746  1.00 3.19  ? 49  GLU A C   1 
ATOM   388 O O   . GLU A 1 49 ? 4.455   9.428   -3.247  1.00 4.07  ? 49  GLU A O   1 
ATOM   389 C CB  . GLU A 1 49 ? 2.721   9.635   -5.971  1.00 5.56  ? 49  GLU A CB  1 
ATOM   390 C CG  . GLU A 1 49 ? 3.342   8.524   -6.780  1.00 8.95  ? 49  GLU A CG  1 
ATOM   391 C CD  . GLU A 1 49 ? 3.728   8.965   -8.181  1.00 13.34 ? 49  GLU A CD  1 
ATOM   392 O OE1 . GLU A 1 49 ? 3.074   9.880   -8.743  1.00 14.35 ? 49  GLU A OE1 1 
ATOM   393 O OE2 . GLU A 1 49 ? 4.707   8.389   -8.716  1.00 21.76 ? 49  GLU A OE2 1 
ATOM   394 N N   . GLY A 1 50 ? 3.642   7.373   -3.674  1.00 2.85  ? 50  GLY A N   1 
ATOM   395 C CA  . GLY A 1 50 ? 4.765   6.736   -2.999  1.00 4.10  ? 50  GLY A CA  1 
ATOM   396 C C   . GLY A 1 50 ? 4.552   5.265   -2.785  1.00 4.34  ? 50  GLY A C   1 
ATOM   397 O O   . GLY A 1 50 ? 3.594   4.670   -3.310  1.00 5.10  ? 50  GLY A O   1 
ATOM   398 N N   . ILE A 1 51 ? 5.393   4.661   -1.957  1.00 3.38  ? 51  ILE A N   1 
ATOM   399 C CA  . ILE A 1 51 ? 5.349   3.214   -1.778  1.00 4.87  ? 51  ILE A CA  1 
ATOM   400 C C   . ILE A 1 51 ? 4.718   2.823   -0.442  1.00 4.28  ? 51  ILE A C   1 
ATOM   401 O O   . ILE A 1 51 ? 4.709   3.598   0.511   1.00 3.99  ? 51  ILE A O   1 
ATOM   402 C CB  . ILE A 1 51 ? 6.773   2.601   -1.930  1.00 4.48  ? 51  ILE A CB  1 
ATOM   403 C CG1 . ILE A 1 51 ? 7.728   3.092   -0.854  1.00 3.75  ? 51  ILE A CG1 1 
ATOM   404 C CG2 . ILE A 1 51 ? 7.329   2.902   -3.293  1.00 4.36  ? 51  ILE A CG2 1 
ATOM   405 C CD1 . ILE A 1 51 ? 9.081   2.373   -0.806  1.00 6.56  ? 51  ILE A CD1 1 
ATOM   406 N N   . PHE A 1 52 ? 4.254   1.589   -0.368  1.00 3.90  ? 52  PHE A N   1 
ATOM   407 C CA  . PHE A 1 52 ? 3.569   1.100   0.811   1.00 3.45  ? 52  PHE A CA  1 
ATOM   408 C C   . PHE A 1 52 ? 3.600   -0.441  0.823   1.00 3.96  ? 52  PHE A C   1 
ATOM   409 O O   . PHE A 1 52 ? 3.727   -1.071  -0.237  1.00 5.00  ? 52  PHE A O   1 
ATOM   410 C CB  . PHE A 1 52 ? 2.108   1.574   0.789   1.00 5.71  ? 52  PHE A CB  1 
ATOM   411 C CG  . PHE A 1 52 ? 1.287   1.032   -0.375  1.00 5.97  ? 52  PHE A CG  1 
ATOM   412 C CD1 . PHE A 1 52 ? 0.559   -0.133  -0.241  1.00 7.78  ? 52  PHE A CD1 1 
ATOM   413 C CD2 . PHE A 1 52 ? 1.231   1.723   -1.597  1.00 6.57  ? 52  PHE A CD2 1 
ATOM   414 C CE1 . PHE A 1 52 ? -0.156  -0.646  -1.325  1.00 6.91  ? 52  PHE A CE1 1 
ATOM   415 C CE2 . PHE A 1 52 ? 0.487   1.205   -2.655  1.00 7.12  ? 52  PHE A CE2 1 
ATOM   416 C CZ  . PHE A 1 52 ? -0.212  0.047   -2.508  1.00 6.09  ? 52  PHE A CZ  1 
ATOM   417 N N   . PRO A 1 53 ? 3.458   -1.054  2.005   1.00 4.98  ? 53  PRO A N   1 
ATOM   418 C CA  . PRO A 1 53 ? 3.415   -2.525  2.101   1.00 3.80  ? 53  PRO A CA  1 
ATOM   419 C C   . PRO A 1 53 ? 2.159   -3.112  1.495   1.00 3.18  ? 53  PRO A C   1 
ATOM   420 O O   . PRO A 1 53 ? 1.032   -2.744  1.910   1.00 3.85  ? 53  PRO A O   1 
ATOM   421 C CB  . PRO A 1 53 ? 3.513   -2.776  3.601   1.00 5.17  ? 53  PRO A CB  1 
ATOM   422 C CG  . PRO A 1 53 ? 2.897   -1.539  4.211   1.00 4.72  ? 53  PRO A CG  1 
ATOM   423 C CD  . PRO A 1 53 ? 3.394   -0.416  3.337   1.00 5.24  ? 53  PRO A CD  1 
ATOM   424 N N   . ALA A 1 54 ? 2.283   -4.022  0.536   1.00 4.84  ? 54  ALA A N   1 
ATOM   425 C CA  . ALA A 1 54 ? 1.141   -4.528  -0.223  1.00 4.67  ? 54  ALA A CA  1 
ATOM   426 C C   . ALA A 1 54 ? 0.206   -5.415  0.587   1.00 4.52  ? 54  ALA A C   1 
ATOM   427 O O   . ALA A 1 54 ? -1.012  -5.546  0.255   1.00 5.07  ? 54  ALA A O   1 
ATOM   428 C CB  . ALA A 1 54 ? 1.590   -5.208  -1.508  1.00 3.92  ? 54  ALA A CB  1 
ATOM   429 N N   . ASN A 1 55 ? 0.680   -5.969  1.703   1.00 3.50  ? 55  ASN A N   1 
ATOM   430 C CA  . ASN A 1 55 ? -0.198  -6.734  2.578   1.00 2.85  ? 55  ASN A CA  1 
ATOM   431 C C   . ASN A 1 55 ? -1.141  -5.860  3.440   1.00 3.48  ? 55  ASN A C   1 
ATOM   432 O O   . ASN A 1 55 ? -1.981  -6.380  4.195   1.00 4.88  ? 55  ASN A O   1 
ATOM   433 C CB  . ASN A 1 55 ? 0.594   -7.740  3.447   1.00 2.03  ? 55  ASN A CB  1 
ATOM   434 C CG  . ASN A 1 55 ? 1.542   -7.077  4.437   1.00 4.04  ? 55  ASN A CG  1 
ATOM   435 O OD1 . ASN A 1 55 ? 2.096   -5.989  4.164   1.00 3.45  ? 55  ASN A OD1 1 
ATOM   436 N ND2 . ASN A 1 55 ? 1.729   -7.714  5.575   1.00 2.27  ? 55  ASN A ND2 1 
ATOM   437 N N   . TYR A 1 56 ? -1.016  -4.552  3.299   1.00 3.17  ? 56  TYR A N   1 
ATOM   438 C CA  . TYR A 1 56 ? -1.888  -3.615  3.995   1.00 4.07  ? 56  TYR A CA  1 
ATOM   439 C C   . TYR A 1 56 ? -3.161  -3.245  3.188   1.00 5.48  ? 56  TYR A C   1 
ATOM   440 O O   . TYR A 1 56 ? -3.949  -2.432  3.662   1.00 5.62  ? 56  TYR A O   1 
ATOM   441 C CB  . TYR A 1 56 ? -1.115  -2.345  4.433   1.00 4.63  ? 56  TYR A CB  1 
ATOM   442 C CG  . TYR A 1 56 ? -0.424  -2.585  5.760   1.00 3.86  ? 56  TYR A CG  1 
ATOM   443 C CD1 . TYR A 1 56 ? 0.431   -3.663  5.947   1.00 5.16  ? 56  TYR A CD1 1 
ATOM   444 C CD2 . TYR A 1 56 ? -0.650  -1.745  6.857   1.00 4.68  ? 56  TYR A CD2 1 
ATOM   445 C CE1 . TYR A 1 56 ? 0.998   -3.941  7.222   1.00 4.31  ? 56  TYR A CE1 1 
ATOM   446 C CE2 . TYR A 1 56 ? -0.101  -2.010  8.110   1.00 3.76  ? 56  TYR A CE2 1 
ATOM   447 C CZ  . TYR A 1 56 ? 0.751   -3.100  8.281   1.00 3.57  ? 56  TYR A CZ  1 
ATOM   448 O OH  . TYR A 1 56 ? 1.250   -3.377  9.534   1.00 4.57  ? 56  TYR A OH  1 
ATOM   449 N N   . VAL A 1 57 ? -3.307  -3.793  1.984   1.00 4.51  ? 57  VAL A N   1 
ATOM   450 C CA  . VAL A 1 57 ? -4.422  -3.455  1.097   1.00 4.81  ? 57  VAL A CA  1 
ATOM   451 C C   . VAL A 1 57 ? -5.057  -4.717  0.495   1.00 4.64  ? 57  VAL A C   1 
ATOM   452 O O   . VAL A 1 57 ? -4.459  -5.808  0.493   1.00 5.70  ? 57  VAL A O   1 
ATOM   453 C CB  . VAL A 1 57 ? -4.020  -2.502  -0.019  1.00 4.43  ? 57  VAL A CB  1 
ATOM   454 C CG1 . VAL A 1 57 ? -3.229  -1.300  0.530   1.00 7.20  ? 57  VAL A CG1 1 
ATOM   455 C CG2 . VAL A 1 57 ? -3.209  -3.189  -1.113  1.00 5.51  ? 57  VAL A CG2 1 
ATOM   456 N N   . GLU A 1 58 ? -6.297  -4.557  0.027   1.00 6.41  ? 58  GLU A N   1 
ATOM   457 C CA  . GLU A 1 58 ? -7.040  -5.578  -0.721  1.00 7.16  ? 58  GLU A CA  1 
ATOM   458 C C   . GLU A 1 58 ? -7.352  -4.971  -2.099  1.00 5.79  ? 58  GLU A C   1 
ATOM   459 O O   . GLU A 1 58 ? -7.955  -3.913  -2.173  1.00 5.18  ? 58  GLU A O   1 
ATOM   460 C CB  . GLU A 1 58 ? -8.314  -5.931  0.086   1.00 9.73  ? 58  GLU A CB  1 
ATOM   461 C CG  . GLU A 1 58 ? -9.342  -6.801  -0.586  1.00 15.23 ? 58  GLU A CG  1 
ATOM   462 C CD  . GLU A 1 58 ? -10.708 -6.836  0.111   1.00 14.75 ? 58  GLU A CD  1 
ATOM   463 O OE1 . GLU A 1 58 ? -10.908 -6.388  1.261   1.00 15.19 ? 58  GLU A OE1 1 
ATOM   464 O OE2 . GLU A 1 58 ? -11.637 -7.346  -0.522  1.00 21.05 ? 58  GLU A OE2 1 
ATOM   465 N N   . LEU A 1 59 ? -6.956  -5.636  -3.196  1.00 6.92  ? 59  LEU A N   1 
ATOM   466 C CA  . LEU A 1 59 ? -7.367  -5.232  -4.543  1.00 5.51  ? 59  LEU A CA  1 
ATOM   467 C C   . LEU A 1 59 ? -8.910  -5.241  -4.635  1.00 3.60  ? 59  LEU A C   1 
ATOM   468 O O   . LEU A 1 59 ? -9.574  -6.187  -4.168  1.00 3.05  ? 59  LEU A O   1 
ATOM   469 C CB  . LEU A 1 59 ? -6.701  -6.133  -5.611  1.00 6.20  ? 59  LEU A CB  1 
ATOM   470 C CG  . LEU A 1 59 ? -5.178  -5.922  -5.805  1.00 8.55  ? 59  LEU A CG  1 
ATOM   471 C CD1 . LEU A 1 59 ? -4.579  -7.077  -6.570  1.00 13.08 ? 59  LEU A CD1 1 
ATOM   472 C CD2 . LEU A 1 59 ? -4.953  -4.623  -6.567  1.00 10.72 ? 59  LEU A CD2 1 
ATOM   473 N N   . VAL A 1 60 ? -9.485  -4.195  -5.229  1.00 4.62  ? 60  VAL A N   1 
ATOM   474 C CA  . VAL A 1 60 ? -10.941 -4.054  -5.310  1.00 6.20  ? 60  VAL A CA  1 
ATOM   475 C C   . VAL A 1 60 ? -11.554 -5.092  -6.231  1.00 10.20 ? 60  VAL A C   1 
ATOM   476 O O   . VAL A 1 60 ? -11.058 -5.462  -7.297  1.00 11.13 ? 60  VAL A O   1 
ATOM   477 C CB  . VAL A 1 60 ? -11.316 -2.641  -5.761  1.00 6.94  ? 60  VAL A CB  1 
ATOM   478 C CG1 . VAL A 1 60 ? -12.790 -2.547  -6.146  1.00 8.87  ? 60  VAL A CG1 1 
ATOM   479 C CG2 . VAL A 1 60 ? -10.966 -1.654  -4.674  1.00 9.90  ? 60  VAL A CG2 1 
ATOM   480 O OXT . VAL A 1 60 ? -12.616 -5.629  -5.916  1.00 10.56 ? 60  VAL A OXT 1 
ATOM   481 N N   . GLY B 2 2  ? -7.100  -8.500  15.627  1.00 12.31 ? 2   GLY B N   1 
ATOM   482 C CA  . GLY B 2 2  ? -5.642  -8.542  15.913  1.00 9.01  ? 2   GLY B CA  1 
ATOM   483 C C   . GLY B 2 2  ? -4.849  -7.276  15.553  1.00 8.75  ? 2   GLY B C   1 
ATOM   484 O O   . GLY B 2 2  ? -5.363  -6.325  14.930  1.00 6.01  ? 2   GLY B O   1 
ATOM   485 N N   . PRO B 2 3  ? -3.560  -7.283  15.917  1.00 6.59  ? 3   PRO B N   1 
ATOM   486 C CA  . PRO B 2 3  ? -2.697  -6.131  15.633  1.00 5.59  ? 3   PRO B CA  1 
ATOM   487 C C   . PRO B 2 3  ? -2.412  -6.022  14.134  1.00 3.46  ? 3   PRO B C   1 
ATOM   488 O O   . PRO B 2 3  ? -2.512  -7.022  13.420  1.00 4.74  ? 3   PRO B O   1 
ATOM   489 C CB  . PRO B 2 3  ? -1.387  -6.474  16.377  1.00 4.91  ? 3   PRO B CB  1 
ATOM   490 C CG  . PRO B 2 3  ? -1.359  -7.987  16.486  1.00 6.66  ? 3   PRO B CG  1 
ATOM   491 C CD  . PRO B 2 3  ? -2.820  -8.386  16.573  1.00 4.60  ? 3   PRO B CD  1 
ATOM   492 N N   . PRO B 2 4  ? -1.964  -4.863  13.675  1.00 3.40  ? 4   PRO B N   1 
ATOM   493 C CA  . PRO B 2 4  ? -1.520  -4.755  12.279  1.00 5.04  ? 4   PRO B CA  1 
ATOM   494 C C   . PRO B 2 4  ? -0.345  -5.720  12.004  1.00 6.08  ? 4   PRO B C   1 
ATOM   495 O O   . PRO B 2 4  ? 0.508   -5.909  12.886  1.00 5.79  ? 4   PRO B O   1 
ATOM   496 C CB  . PRO B 2 4  ? -1.092  -3.287  12.147  1.00 5.53  ? 4   PRO B CB  1 
ATOM   497 C CG  . PRO B 2 4  ? -0.940  -2.796  13.462  1.00 5.31  ? 4   PRO B CG  1 
ATOM   498 C CD  . PRO B 2 4  ? -1.663  -3.667  14.456  1.00 3.51  ? 4   PRO B CD  1 
ATOM   499 N N   . PRO B 2 5  ? -0.322  -6.345  10.824  1.00 5.13  ? 5   PRO B N   1 
ATOM   500 C CA  . PRO B 2 5  ? 0.671   -7.378  10.539  1.00 4.65  ? 5   PRO B CA  1 
ATOM   501 C C   . PRO B 2 5  ? 2.088   -6.880  10.277  1.00 6.07  ? 5   PRO B C   1 
ATOM   502 O O   . PRO B 2 5  ? 2.318   -5.732  9.900   1.00 5.15  ? 5   PRO B O   1 
ATOM   503 C CB  . PRO B 2 5  ? 0.085   -8.078  9.314   1.00 6.01  ? 5   PRO B CB  1 
ATOM   504 C CG  . PRO B 2 5  ? -0.705  -7.042  8.612   1.00 6.69  ? 5   PRO B CG  1 
ATOM   505 C CD  . PRO B 2 5  ? -1.301  -6.223  9.731   1.00 4.62  ? 5   PRO B CD  1 
ATOM   506 N N   . ALA B 2 6  ? 3.035   -7.800  10.432  1.00 5.85  ? 6   ALA B N   1 
ATOM   507 C CA  . ALA B 2 6  ? 4.427   -7.559  10.055  1.00 5.23  ? 6   ALA B CA  1 
ATOM   508 C C   . ALA B 2 6  ? 4.489   -7.077  8.611   1.00 7.30  ? 6   ALA B C   1 
ATOM   509 O O   . ALA B 2 6  ? 3.789   -7.592  7.743   1.00 8.71  ? 6   ALA B O   1 
ATOM   510 C CB  . ALA B 2 6  ? 5.227   -8.833  10.177  1.00 7.09  ? 6   ALA B CB  1 
ATOM   511 N N   . MET B 2 7  ? 5.369   -6.132  8.330   1.00 6.24  ? 7   MET B N   1 
ATOM   512 C CA  . MET B 2 7  ? 5.500   -5.662  6.950   1.00 6.81  ? 7   MET B CA  1 
ATOM   513 C C   . MET B 2 7  ? 6.524   -6.484  6.203   1.00 4.59  ? 7   MET B C   1 
ATOM   514 O O   . MET B 2 7  ? 7.446   -7.066  6.818   1.00 6.79  ? 7   MET B O   1 
ATOM   515 C CB  . MET B 2 7  ? 5.900   -4.206  6.920   1.00 7.59  ? 7   MET B CB  1 
ATOM   516 C CG  . MET B 2 7  ? 4.850   -3.266  7.544   1.00 6.54  ? 7   MET B CG  1 
ATOM   517 S SD  . MET B 2 7  ? 5.275   -1.607  7.343   1.00 7.04  ? 7   MET B SD  1 
ATOM   518 C CE  . MET B 2 7  ? 3.936   -0.916  8.402   1.00 4.83  ? 7   MET B CE  1 
ATOM   519 N N   . PRO B 2 8  ? 6.396   -6.528  4.881   1.00 3.73  ? 8   PRO B N   1 
ATOM   520 C CA  . PRO B 2 8  ? 7.439   -7.136  4.062   1.00 4.59  ? 8   PRO B CA  1 
ATOM   521 C C   . PRO B 2 8  ? 8.700   -6.303  4.140   1.00 2.31  ? 8   PRO B C   1 
ATOM   522 O O   . PRO B 2 8  ? 8.675   -5.108  4.406   1.00 3.18  ? 8   PRO B O   1 
ATOM   523 C CB  . PRO B 2 8  ? 6.830   -7.078  2.626   1.00 3.39  ? 8   PRO B CB  1 
ATOM   524 C CG  . PRO B 2 8  ? 5.440   -6.653  2.783   1.00 5.94  ? 8   PRO B CG  1 
ATOM   525 C CD  . PRO B 2 8  ? 5.345   -5.935  4.034   1.00 6.43  ? 8   PRO B CD  1 
ATOM   526 N N   . ALA B 2 9  ? 9.838   -6.896  3.832   1.00 3.49  ? 9   ALA B N   1 
ATOM   527 C CA  . ALA B 2 9  ? 11.055  -6.142  3.649   1.00 4.79  ? 9   ALA B CA  1 
ATOM   528 C C   . ALA B 2 9  ? 10.849  -5.111  2.541   1.00 5.02  ? 9   ALA B C   1 
ATOM   529 O O   . ALA B 2 9  ? 10.114  -5.339  1.584   1.00 3.03  ? 9   ALA B O   1 
ATOM   530 C CB  . ALA B 2 9  ? 12.161  -7.067  3.260   1.00 4.73  ? 9   ALA B CB  1 
ATOM   531 N N   . ARG B 2 10 ? 11.499  -3.964  2.680   1.00 5.47  ? 10  ARG B N   1 
ATOM   532 C CA  . ARG B 2 10 ? 11.386  -2.925  1.656   1.00 6.15  ? 10  ARG B CA  1 
ATOM   533 C C   . ARG B 2 10 ? 12.008  -3.425  0.348   1.00 5.55  ? 10  ARG B C   1 
ATOM   534 O O   . ARG B 2 10 ? 12.840  -4.349  0.352   1.00 4.45  ? 10  ARG B O   1 
ATOM   535 C CB  . ARG B 2 10 ? 12.026  -1.613  2.124   1.00 7.24  ? 10  ARG B CB  1 
ATOM   536 C CG  . ARG B 2 10 ? 11.150  -0.820  3.071   1.00 7.25  ? 10  ARG B CG  1 
ATOM   537 C CD  . ARG B 2 10 ? 11.869  0.343   3.731   1.00 6.66  ? 10  ARG B CD  1 
ATOM   538 N NE  . ARG B 2 10 ? 10.960  1.061   4.614   1.00 6.77  ? 10  ARG B NE  1 
ATOM   539 C CZ  . ARG B 2 10 ? 10.184  2.081   4.253   1.00 4.74  ? 10  ARG B CZ  1 
ATOM   540 N NH1 . ARG B 2 10 ? 10.204  2.575   3.027   1.00 2.55  ? 10  ARG B NH1 1 
ATOM   541 N NH2 . ARG B 2 10 ? 9.390   2.616   5.162   1.00 4.20  ? 10  ARG B NH2 1 
ATOM   542 N N   . PRO B 2 11 ? 11.593  -2.859  -0.774  1.00 7.96  ? 11  PRO B N   1 
ATOM   543 C CA  . PRO B 2 11 ? 12.069  -3.323  -2.083  1.00 9.61  ? 11  PRO B CA  1 
ATOM   544 C C   . PRO B 2 11 ? 13.493  -2.867  -2.353  1.00 8.49  ? 11  PRO B C   1 
ATOM   545 O O   . PRO B 2 11 ? 13.894  -1.820  -1.861  1.00 7.46  ? 11  PRO B O   1 
ATOM   546 C CB  . PRO B 2 11 ? 11.116  -2.645  -3.071  1.00 12.24 ? 11  PRO B CB  1 
ATOM   547 C CG  . PRO B 2 11 ? 10.589  -1.445  -2.360  1.00 11.92 ? 11  PRO B CG  1 
ATOM   548 C CD  . PRO B 2 11 ? 10.651  -1.732  -0.896  1.00 9.85  ? 11  PRO B CD  1 
ATOM   549 N N   . THR B 2 12 ? 14.213  -3.655  -3.138  1.00 10.84 ? 12  THR B N   1 
ATOM   550 C CA  . THR B 2 12 ? 15.562  -3.354  -3.583  1.00 14.53 ? 12  THR B CA  1 
ATOM   551 C C   . THR B 2 12 ? 15.544  -2.349  -4.744  1.00 14.56 ? 12  THR B C   1 
ATOM   552 O O   . THR B 2 12 ? 16.543  -1.693  -5.077  1.00 15.43 ? 12  THR B O   1 
ATOM   553 C CB  . THR B 2 12 ? 16.186  -4.685  -4.035  1.00 14.98 ? 12  THR B CB  1 
ATOM   554 O OG1 . THR B 2 12 ? 16.417  -5.508  -2.884  1.00 18.70 ? 12  THR B OG1 1 
ATOM   555 C CG2 . THR B 2 12 ? 17.551  -4.494  -4.632  1.00 18.31 ? 12  THR B CG2 1 
ATOM   556 O OXT . THR B 2 12 ? 14.523  -2.162  -5.416  1.00 14.73 ? 12  THR B OXT 1 
HETATM 557 O O   . HOH C 3 .  ? -4.269  11.496  -4.363  1.00 11.65 ? 61  HOH A O   1 
HETATM 558 O O   . HOH C 3 .  ? -0.674  9.471   1.099   1.00 9.61  ? 62  HOH A O   1 
HETATM 559 O O   . HOH C 3 .  ? 2.260   -2.572  -12.326 1.00 11.98 ? 63  HOH A O   1 
HETATM 560 O O   . HOH C 3 .  ? 3.841   -9.849  3.832   1.00 10.68 ? 64  HOH A O   1 
HETATM 561 O O   . HOH C 3 .  ? 10.186  5.560   0.507   1.00 14.40 ? 65  HOH A O   1 
HETATM 562 O O   . HOH C 3 .  ? -9.171  7.909   -2.338  1.00 14.73 ? 66  HOH A O   1 
HETATM 563 O O   . HOH C 3 .  ? 3.728   -6.282  -12.533 1.00 11.76 ? 67  HOH A O   1 
HETATM 564 O O   . HOH C 3 .  ? 1.855   9.396   8.773   1.00 13.34 ? 68  HOH A O   1 
HETATM 565 O O   . HOH C 3 .  ? 1.936   -7.976  -11.234 1.00 12.80 ? 69  HOH A O   1 
HETATM 566 O O   . HOH C 3 .  ? -10.649 7.034   -0.204  1.00 14.47 ? 70  HOH A O   1 
HETATM 567 O O   . HOH C 3 .  ? 9.319   -9.521  1.085   1.00 14.02 ? 71  HOH A O   1 
HETATM 568 O O   . HOH C 3 .  ? -10.681 -2.180  4.880   1.00 14.53 ? 72  HOH A O   1 
HETATM 569 O O   . HOH C 3 .  ? -7.187  6.994   -5.215  1.00 14.89 ? 73  HOH A O   1 
HETATM 570 O O   . HOH C 3 .  ? -0.607  3.524   11.000  1.00 14.63 ? 74  HOH A O   1 
HETATM 571 O O   . HOH C 3 .  ? 6.508   -0.349  -6.831  1.00 18.32 ? 75  HOH A O   1 
HETATM 572 O O   . HOH C 3 .  ? 8.318   1.185   7.504   1.00 21.04 ? 76  HOH A O   1 
HETATM 573 O O   . HOH C 3 .  ? -1.669  5.946   9.287   1.00 18.55 ? 77  HOH A O   1 
HETATM 574 O O   . HOH C 3 .  ? 10.611  3.428   12.858  1.00 20.84 ? 78  HOH A O   1 
HETATM 575 O O   . HOH C 3 .  ? -10.702 5.868   5.519   1.00 18.88 ? 79  HOH A O   1 
HETATM 576 O O   . HOH C 3 .  ? 8.529   6.923   -3.390  1.00 19.24 ? 80  HOH A O   1 
HETATM 577 O O   . HOH C 3 .  ? 5.933   -12.471 -11.950 1.00 21.21 ? 81  HOH A O   1 
HETATM 578 O O   . HOH C 3 .  ? 5.846   -9.881  -10.302 1.00 20.00 ? 82  HOH A O   1 
HETATM 579 O O   . HOH C 3 .  ? -6.911  9.205   5.472   1.00 25.20 ? 83  HOH A O   1 
HETATM 580 O O   . HOH C 3 .  ? -12.852 5.559   2.294   1.00 24.59 ? 84  HOH A O   1 
HETATM 581 O O   . HOH C 3 .  ? 5.031   10.391  -0.705  1.00 15.53 ? 85  HOH A O   1 
HETATM 582 O O   . HOH C 3 .  ? -1.565  -0.112  11.361  1.00 20.42 ? 86  HOH A O   1 
HETATM 583 O O   . HOH C 3 .  ? -4.189  14.266  2.573   1.00 20.64 ? 87  HOH A O   1 
HETATM 584 O O   . HOH C 3 .  ? -4.059  2.230   -12.043 1.00 22.32 ? 88  HOH A O   1 
HETATM 585 O O   . HOH C 3 .  ? -12.547 -6.951  -2.871  1.00 26.57 ? 89  HOH A O   1 
HETATM 586 O O   . HOH C 3 .  ? -2.741  -7.099  -1.414  1.00 26.86 ? 90  HOH A O   1 
HETATM 587 O O   . HOH C 3 .  ? 5.761   -2.705  -7.641  1.00 22.35 ? 91  HOH A O   1 
HETATM 588 O O   . HOH C 3 .  ? -2.712  11.055  5.002   1.00 22.04 ? 92  HOH A O   1 
HETATM 589 O O   . HOH C 3 .  ? -12.935 -9.381  -0.036  1.00 32.12 ? 93  HOH A O   1 
HETATM 590 O O   . HOH C 3 .  ? -4.386  -8.414  1.392   1.00 25.80 ? 94  HOH A O   1 
HETATM 591 O O   . HOH C 3 .  ? -10.520 -0.778  -9.018  1.00 26.17 ? 95  HOH A O   1 
HETATM 592 O O   . HOH C 3 .  ? -7.698  -7.614  -9.091  1.00 23.75 ? 96  HOH A O   1 
HETATM 593 O O   . HOH C 3 .  ? -5.698  -0.002  11.171  1.00 23.17 ? 97  HOH A O   1 
HETATM 594 O O   . HOH C 3 .  ? 11.335  0.026   10.626  1.00 30.20 ? 98  HOH A O   1 
HETATM 595 O O   . HOH C 3 .  ? 8.636   -9.675  -2.575  1.00 28.24 ? 99  HOH A O   1 
HETATM 596 O O   . HOH C 3 .  ? -3.973  -9.718  -10.362 1.00 26.00 ? 100 HOH A O   1 
HETATM 597 O O   . HOH C 3 .  ? -5.983  9.646   -5.272  1.00 21.51 ? 101 HOH A O   1 
HETATM 598 O O   . HOH C 3 .  ? -1.428  -9.829  -9.026  1.00 24.42 ? 102 HOH A O   1 
HETATM 599 O O   . HOH C 3 .  ? -9.316  -7.669  -18.066 1.00 32.94 ? 103 HOH A O   1 
HETATM 600 O O   . HOH C 3 .  ? 7.928   3.743   -6.847  1.00 24.00 ? 104 HOH A O   1 
HETATM 601 O O   . HOH C 3 .  ? -11.315 -4.466  5.748   1.00 22.77 ? 105 HOH A O   1 
HETATM 602 O O   . HOH C 3 .  ? -11.420 -2.845  -13.763 1.00 27.18 ? 106 HOH A O   1 
HETATM 603 O O   . HOH C 3 .  ? -5.690  -8.314  -2.848  1.00 24.71 ? 107 HOH A O   1 
HETATM 604 O O   . HOH C 3 .  ? 1.012   10.804  -8.974  1.00 28.80 ? 108 HOH A O   1 
HETATM 605 O O   . HOH C 3 .  ? -0.996  12.132  7.256   1.00 25.87 ? 109 HOH A O   1 
HETATM 606 O O   . HOH C 3 .  ? -10.169 -7.911  -15.489 1.00 36.64 ? 110 HOH A O   1 
HETATM 607 O O   . HOH C 3 .  ? -7.758  -2.279  10.735  1.00 35.73 ? 111 HOH A O   1 
HETATM 608 O O   . HOH C 3 .  ? -9.857  4.808   9.171   1.00 30.16 ? 112 HOH A O   1 
HETATM 609 O O   . HOH C 3 .  ? -8.478  -9.594  -10.695 1.00 32.00 ? 113 HOH A O   1 
HETATM 610 O O   . HOH C 3 .  ? -0.383  -12.219 -4.419  1.00 28.23 ? 114 HOH A O   1 
HETATM 611 O O   . HOH C 3 .  ? 3.145   13.081  -8.930  1.00 26.54 ? 115 HOH A O   1 
HETATM 612 O O   . HOH C 3 .  ? -5.730  9.108   -8.593  1.00 34.72 ? 116 HOH A O   1 
HETATM 613 O O   . HOH C 3 .  ? -11.752 -8.145  3.298   1.00 28.87 ? 117 HOH A O   1 
HETATM 614 O O   . HOH C 3 .  ? 10.721  5.248   -2.209  1.00 26.11 ? 118 HOH A O   1 
HETATM 615 O O   . HOH C 3 .  ? -9.842  -7.304  -11.056 1.00 36.80 ? 119 HOH A O   1 
HETATM 616 O O   . HOH C 3 .  ? 10.484  -6.795  -2.581  1.00 26.42 ? 120 HOH A O   1 
HETATM 617 O O   . HOH C 3 .  ? 13.046  10.359  4.497   1.00 31.57 ? 121 HOH A O   1 
HETATM 618 O O   . HOH C 3 .  ? 6.409   -3.428  -10.477 1.00 28.96 ? 122 HOH A O   1 
HETATM 619 O O   . HOH C 3 .  ? -11.597 -3.509  -9.616  1.00 30.54 ? 123 HOH A O   1 
HETATM 620 O O   . HOH C 3 .  ? 6.257   -7.332  -11.914 1.00 25.95 ? 124 HOH A O   1 
HETATM 621 O O   . HOH C 3 .  ? -6.229  -9.853  -9.030  1.00 38.84 ? 125 HOH A O   1 
HETATM 622 O O   . HOH C 3 .  ? 10.168  7.856   10.755  1.00 35.87 ? 126 HOH A O   1 
HETATM 623 O O   . HOH C 3 .  ? -9.829  -4.463  7.458   1.00 30.69 ? 127 HOH A O   1 
HETATM 624 O O   . HOH C 3 .  ? -7.415  3.898   10.405  1.00 38.33 ? 128 HOH A O   1 
HETATM 625 O O   . HOH C 3 .  ? 7.059   6.425   -5.739  1.00 31.19 ? 129 HOH A O   1 
HETATM 626 O O   . HOH C 3 .  ? -3.089  -8.999  3.736   1.00 26.33 ? 130 HOH A O   1 
HETATM 627 O O   . HOH C 3 .  ? -8.517  10.460  0.774   1.00 34.14 ? 131 HOH A O   1 
HETATM 628 O O   A HOH C 3 .  ? 5.072   5.471   -10.786 0.50 32.93 ? 132 HOH A O   1 
HETATM 629 O O   B HOH C 3 .  ? 9.080   0.232   -8.600  0.50 21.75 ? 132 HOH A O   1 
HETATM 630 O O   . HOH C 3 .  ? 7.205   -4.321  -6.263  1.00 26.51 ? 133 HOH A O   1 
HETATM 631 O O   . HOH C 3 .  ? -6.757  2.098   12.418  1.00 37.59 ? 134 HOH A O   1 
HETATM 632 O O   . HOH C 3 .  ? -11.687 1.046   -10.639 1.00 31.69 ? 135 HOH A O   1 
HETATM 633 O O   . HOH C 3 .  ? -9.753  7.273   -6.078  1.00 26.45 ? 136 HOH A O   1 
HETATM 634 O O   . HOH C 3 .  ? -10.681 -4.573  -12.185 1.00 31.59 ? 137 HOH A O   1 
HETATM 635 O O   . HOH C 3 .  ? -3.164  9.101   6.484   1.00 30.54 ? 138 HOH A O   1 
HETATM 636 O O   . HOH C 3 .  ? 5.026   -3.006  -12.697 1.00 28.26 ? 139 HOH A O   1 
HETATM 637 O O   . HOH C 3 .  ? -12.794 -5.034  8.989   1.00 33.75 ? 140 HOH A O   1 
HETATM 638 O O   . HOH C 3 .  ? -8.360  -7.911  7.406   1.00 36.09 ? 141 HOH A O   1 
HETATM 639 O O   . HOH C 3 .  ? -1.096  -9.562  -5.945  1.00 34.69 ? 142 HOH A O   1 
HETATM 640 O O   . HOH C 3 .  ? -9.633  8.518   1.757   1.00 32.00 ? 143 HOH A O   1 
HETATM 641 O O   . HOH C 3 .  ? -14.027 -8.815  -2.432  1.00 28.25 ? 144 HOH A O   1 
HETATM 642 O O   . HOH C 3 .  ? 12.380  7.978   0.923   1.00 34.30 ? 145 HOH A O   1 
HETATM 643 O O   . HOH C 3 .  ? 7.562   -5.915  -10.272 1.00 34.27 ? 146 HOH A O   1 
HETATM 644 O O   . HOH C 3 .  ? 6.980   11.967  -0.690  1.00 32.20 ? 147 HOH A O   1 
HETATM 645 O O   . HOH C 3 .  ? -5.991  10.432  -12.754 1.00 27.73 ? 148 HOH A O   1 
HETATM 646 O O   . HOH C 3 .  ? -7.517  7.595   -9.733  1.00 34.50 ? 149 HOH A O   1 
HETATM 647 O O   . HOH C 3 .  ? -9.260  -8.680  -4.080  1.00 39.88 ? 150 HOH A O   1 
HETATM 648 O O   . HOH C 3 .  ? -12.513 -0.571  -12.460 0.50 16.30 ? 151 HOH A O   1 
HETATM 649 O O   . HOH C 3 .  ? -4.791  -11.252 -12.467 1.00 38.06 ? 152 HOH A O   1 
HETATM 650 O O   . HOH C 3 .  ? -4.152  2.872   13.298  1.00 34.68 ? 153 HOH A O   1 
HETATM 651 O O   . HOH D 3 .  ? 4.704   -9.820  6.462   1.00 11.92 ? 13  HOH B O   1 
HETATM 652 O O   . HOH D 3 .  ? 2.343   -7.675  13.836  1.00 13.56 ? 14  HOH B O   1 
HETATM 653 O O   . HOH D 3 .  ? 12.265  2.176   0.855   1.00 23.29 ? 15  HOH B O   1 
HETATM 654 O O   . HOH D 3 .  ? 10.051  -3.535  6.370   1.00 21.81 ? 16  HOH B O   1 
HETATM 655 O O   . HOH D 3 .  ? 7.011   -5.099  10.566  1.00 19.06 ? 17  HOH B O   1 
HETATM 656 O O   . HOH D 3 .  ? 10.436  -7.447  -0.081  1.00 20.81 ? 18  HOH B O   1 
HETATM 657 O O   . HOH D 3 .  ? -4.908  -8.523  12.475  1.00 29.35 ? 19  HOH B O   1 
HETATM 658 O O   . HOH D 3 .  ? 13.250  -6.992  -0.268  1.00 20.79 ? 20  HOH B O   1 
HETATM 659 O O   . HOH D 3 .  ? 14.320  0.162   0.512   1.00 32.83 ? 21  HOH B O   1 
HETATM 660 O O   . HOH D 3 .  ? 8.982   -1.431  7.643   1.00 32.80 ? 22  HOH B O   1 
HETATM 661 O O   . HOH D 3 .  ? 15.921  -0.421  -1.219  0.50 44.58 ? 23  HOH B O   1 
HETATM 662 O O   . HOH D 3 .  ? -8.962  -6.992  16.730  1.00 38.17 ? 24  HOH B O   1 
HETATM 663 O O   . HOH D 3 .  ? 12.767  -5.978  -4.040  1.00 38.55 ? 25  HOH B O   1 
# 
loop_
_pdbx_poly_seq_scheme.asym_id 
_pdbx_poly_seq_scheme.entity_id 
_pdbx_poly_seq_scheme.seq_id 
_pdbx_poly_seq_scheme.mon_id 
_pdbx_poly_seq_scheme.ndb_seq_num 
_pdbx_poly_seq_scheme.pdb_seq_num 
_pdbx_poly_seq_scheme.auth_seq_num 
_pdbx_poly_seq_scheme.pdb_mon_id 
_pdbx_poly_seq_scheme.auth_mon_id 
_pdbx_poly_seq_scheme.pdb_strand_id 
_pdbx_poly_seq_scheme.pdb_ins_code 
_pdbx_poly_seq_scheme.hetero 
A 1 1  GLY 1  1  1  GLY GLY A . n 
A 1 2  SER 2  2  2  SER SER A . n 
A 1 3  SER 3  3  3  SER SER A . n 
A 1 4  PRO 4  4  4  PRO PRO A . n 
A 1 5  LYS 5  5  5  LYS LYS A . n 
A 1 6  ALA 6  6  6  ALA ALA A . n 
A 1 7  VAL 7  7  7  VAL VAL A . n 
A 1 8  ALA 8  8  8  ALA ALA A . n 
A 1 9  LEU 9  9  9  LEU LEU A . n 
A 1 10 TYR 10 10 10 TYR TYR A . n 
A 1 11 SER 11 11 11 SER SER A . n 
A 1 12 PHE 12 12 12 PHE PHE A . n 
A 1 13 ALA 13 13 13 ALA ALA A . n 
A 1 14 GLY 14 14 14 GLY GLY A . n 
A 1 15 GLU 15 15 15 GLU GLU A . n 
A 1 16 GLU 16 16 16 GLU GLU A . n 
A 1 17 SER 17 17 17 SER SER A . n 
A 1 18 GLY 18 18 18 GLY GLY A . n 
A 1 19 ASP 19 19 19 ASP ASP A . n 
A 1 20 LEU 20 20 20 LEU LEU A . n 
A 1 21 PRO 21 21 21 PRO PRO A . n 
A 1 22 PHE 22 22 22 PHE PHE A . n 
A 1 23 ARG 23 23 23 ARG ARG A . n 
A 1 24 LYS 24 24 24 LYS LYS A . n 
A 1 25 GLY 25 25 25 GLY GLY A . n 
A 1 26 ASP 26 26 26 ASP ASP A . n 
A 1 27 VAL 27 27 27 VAL VAL A . n 
A 1 28 ILE 28 28 28 ILE ILE A . n 
A 1 29 THR 29 29 29 THR THR A . n 
A 1 30 ILE 30 30 30 ILE ILE A . n 
A 1 31 LEU 31 31 31 LEU LEU A . n 
A 1 32 LYS 32 32 32 LYS LYS A . n 
A 1 33 LYS 33 33 33 LYS LYS A . n 
A 1 34 SER 34 34 34 SER SER A . n 
A 1 35 ASP 35 35 35 ASP ASP A . n 
A 1 36 SER 36 36 36 SER SER A . n 
A 1 37 GLN 37 37 37 GLN GLN A . n 
A 1 38 ASN 38 38 38 ASN ASN A . n 
A 1 39 ASP 39 39 39 ASP ASP A . n 
A 1 40 TRP 40 40 40 TRP TRP A . n 
A 1 41 TRP 41 41 41 TRP TRP A . n 
A 1 42 THR 42 42 42 THR THR A . n 
A 1 43 GLY 43 43 43 GLY GLY A . n 
A 1 44 ARG 44 44 44 ARG ARG A . n 
A 1 45 VAL 45 45 45 VAL VAL A . n 
A 1 46 ASN 46 46 46 ASN ASN A . n 
A 1 47 GLY 47 47 47 GLY GLY A . n 
A 1 48 ARG 48 48 48 ARG ARG A . n 
A 1 49 GLU 49 49 49 GLU GLU A . n 
A 1 50 GLY 50 50 50 GLY GLY A . n 
A 1 51 ILE 51 51 51 ILE ILE A . n 
A 1 52 PHE 52 52 52 PHE PHE A . n 
A 1 53 PRO 53 53 53 PRO PRO A . n 
A 1 54 ALA 54 54 54 ALA ALA A . n 
A 1 55 ASN 55 55 55 ASN ASN A . n 
A 1 56 TYR 56 56 56 TYR TYR A . n 
A 1 57 VAL 57 57 57 VAL VAL A . n 
A 1 58 GLU 58 58 58 GLU GLU A . n 
A 1 59 LEU 59 59 59 LEU LEU A . n 
A 1 60 VAL 60 60 60 VAL VAL A . n 
B 2 1  GLU 1  1  ?  ?   ?   B . n 
B 2 2  GLY 2  2  2  GLY GLY B . n 
B 2 3  PRO 3  3  3  PRO PRO B . n 
B 2 4  PRO 4  4  4  PRO PRO B . n 
B 2 5  PRO 5  5  5  PRO PRO B . n 
B 2 6  ALA 6  6  6  ALA ALA B . n 
B 2 7  MET 7  7  7  MET MET B . n 
B 2 8  PRO 8  8  8  PRO PRO B . n 
B 2 9  ALA 9  9  9  ALA ALA B . n 
B 2 10 ARG 10 10 10 ARG ARG B . n 
B 2 11 PRO 11 11 11 PRO PRO B . n 
B 2 12 THR 12 12 12 THR THR B . n 
# 
loop_
_pdbx_nonpoly_scheme.asym_id 
_pdbx_nonpoly_scheme.entity_id 
_pdbx_nonpoly_scheme.mon_id 
_pdbx_nonpoly_scheme.ndb_seq_num 
_pdbx_nonpoly_scheme.pdb_seq_num 
_pdbx_nonpoly_scheme.auth_seq_num 
_pdbx_nonpoly_scheme.pdb_mon_id 
_pdbx_nonpoly_scheme.auth_mon_id 
_pdbx_nonpoly_scheme.pdb_strand_id 
_pdbx_nonpoly_scheme.pdb_ins_code 
C 3 HOH 1  61  1   HOH HOH A . 
C 3 HOH 2  62  2   HOH HOH A . 
C 3 HOH 3  63  4   HOH HOH A . 
C 3 HOH 4  64  5   HOH HOH A . 
C 3 HOH 5  65  6   HOH HOH A . 
C 3 HOH 6  66  7   HOH HOH A . 
C 3 HOH 7  67  8   HOH HOH A . 
C 3 HOH 8  68  10  HOH HOH A . 
C 3 HOH 9  69  11  HOH HOH A . 
C 3 HOH 10 70  12  HOH HOH A . 
C 3 HOH 11 71  13  HOH HOH A . 
C 3 HOH 12 72  14  HOH HOH A . 
C 3 HOH 13 73  15  HOH HOH A . 
C 3 HOH 14 74  16  HOH HOH A . 
C 3 HOH 15 75  17  HOH HOH A . 
C 3 HOH 16 76  18  HOH HOH A . 
C 3 HOH 17 77  20  HOH HOH A . 
C 3 HOH 18 78  21  HOH HOH A . 
C 3 HOH 19 79  22  HOH HOH A . 
C 3 HOH 20 80  23  HOH HOH A . 
C 3 HOH 21 81  24  HOH HOH A . 
C 3 HOH 22 82  25  HOH HOH A . 
C 3 HOH 23 83  27  HOH HOH A . 
C 3 HOH 24 84  28  HOH HOH A . 
C 3 HOH 25 85  29  HOH HOH A . 
C 3 HOH 26 86  31  HOH HOH A . 
C 3 HOH 27 87  32  HOH HOH A . 
C 3 HOH 28 88  33  HOH HOH A . 
C 3 HOH 29 89  34  HOH HOH A . 
C 3 HOH 30 90  36  HOH HOH A . 
C 3 HOH 31 91  37  HOH HOH A . 
C 3 HOH 32 92  38  HOH HOH A . 
C 3 HOH 33 93  39  HOH HOH A . 
C 3 HOH 34 94  42  HOH HOH A . 
C 3 HOH 35 95  43  HOH HOH A . 
C 3 HOH 36 96  44  HOH HOH A . 
C 3 HOH 37 97  45  HOH HOH A . 
C 3 HOH 38 98  46  HOH HOH A . 
C 3 HOH 39 99  47  HOH HOH A . 
C 3 HOH 40 100 48  HOH HOH A . 
C 3 HOH 41 101 49  HOH HOH A . 
C 3 HOH 42 102 50  HOH HOH A . 
C 3 HOH 43 103 51  HOH HOH A . 
C 3 HOH 44 104 52  HOH HOH A . 
C 3 HOH 45 105 53  HOH HOH A . 
C 3 HOH 46 106 54  HOH HOH A . 
C 3 HOH 47 107 55  HOH HOH A . 
C 3 HOH 48 108 56  HOH HOH A . 
C 3 HOH 49 109 57  HOH HOH A . 
C 3 HOH 50 110 58  HOH HOH A . 
C 3 HOH 51 111 59  HOH HOH A . 
C 3 HOH 52 112 60  HOH HOH A . 
C 3 HOH 53 113 61  HOH HOH A . 
C 3 HOH 54 114 62  HOH HOH A . 
C 3 HOH 55 115 64  HOH HOH A . 
C 3 HOH 56 116 65  HOH HOH A . 
C 3 HOH 57 117 66  HOH HOH A . 
C 3 HOH 58 118 67  HOH HOH A . 
C 3 HOH 59 119 68  HOH HOH A . 
C 3 HOH 60 120 69  HOH HOH A . 
C 3 HOH 61 121 70  HOH HOH A . 
C 3 HOH 62 122 71  HOH HOH A . 
C 3 HOH 63 123 72  HOH HOH A . 
C 3 HOH 64 124 73  HOH HOH A . 
C 3 HOH 65 125 74  HOH HOH A . 
C 3 HOH 66 126 75  HOH HOH A . 
C 3 HOH 67 127 76  HOH HOH A . 
C 3 HOH 68 128 77  HOH HOH A . 
C 3 HOH 69 129 78  HOH HOH A . 
C 3 HOH 70 130 80  HOH HOH A . 
C 3 HOH 71 131 81  HOH HOH A . 
C 3 HOH 72 132 82  HOH HOH A . 
C 3 HOH 73 133 83  HOH HOH A . 
C 3 HOH 74 134 84  HOH HOH A . 
C 3 HOH 75 135 85  HOH HOH A . 
C 3 HOH 76 136 86  HOH HOH A . 
C 3 HOH 77 137 87  HOH HOH A . 
C 3 HOH 78 138 88  HOH HOH A . 
C 3 HOH 79 139 89  HOH HOH A . 
C 3 HOH 80 140 90  HOH HOH A . 
C 3 HOH 81 141 91  HOH HOH A . 
C 3 HOH 82 142 92  HOH HOH A . 
C 3 HOH 83 143 93  HOH HOH A . 
C 3 HOH 84 144 94  HOH HOH A . 
C 3 HOH 85 145 95  HOH HOH A . 
C 3 HOH 86 146 98  HOH HOH A . 
C 3 HOH 87 147 99  HOH HOH A . 
C 3 HOH 88 148 100 HOH HOH A . 
C 3 HOH 89 149 103 HOH HOH A . 
C 3 HOH 90 150 104 HOH HOH A . 
C 3 HOH 91 151 105 HOH HOH A . 
C 3 HOH 92 152 106 HOH HOH A . 
C 3 HOH 93 153 108 HOH HOH A . 
D 3 HOH 1  13  3   HOH HOH B . 
D 3 HOH 2  14  9   HOH HOH B . 
D 3 HOH 3  15  19  HOH HOH B . 
D 3 HOH 4  16  26  HOH HOH B . 
D 3 HOH 5  17  30  HOH HOH B . 
D 3 HOH 6  18  35  HOH HOH B . 
D 3 HOH 7  19  40  HOH HOH B . 
D 3 HOH 8  20  41  HOH HOH B . 
D 3 HOH 9  21  63  HOH HOH B . 
D 3 HOH 10 22  79  HOH HOH B . 
D 3 HOH 11 23  96  HOH HOH B . 
D 3 HOH 12 24  97  HOH HOH B . 
D 3 HOH 13 25  101 HOH HOH B . 
# 
_pdbx_struct_assembly.id                   1 
_pdbx_struct_assembly.details              author_and_software_defined_assembly 
_pdbx_struct_assembly.method_details       PISA 
_pdbx_struct_assembly.oligomeric_details   dimeric 
_pdbx_struct_assembly.oligomeric_count     2 
# 
_pdbx_struct_assembly_gen.assembly_id       1 
_pdbx_struct_assembly_gen.oper_expression   1 
_pdbx_struct_assembly_gen.asym_id_list      A,B,C,D 
# 
loop_
_pdbx_struct_assembly_prop.biol_id 
_pdbx_struct_assembly_prop.type 
_pdbx_struct_assembly_prop.value 
_pdbx_struct_assembly_prop.details 
1 'ABSA (A^2)' 910  ? 
1 MORE         -6   ? 
1 'SSA (A^2)'  4580 ? 
# 
_pdbx_struct_oper_list.id                   1 
_pdbx_struct_oper_list.type                 'identity operation' 
_pdbx_struct_oper_list.name                 1_555 
_pdbx_struct_oper_list.symmetry_operation   x,y,z 
_pdbx_struct_oper_list.matrix[1][1]         1.0000000000 
_pdbx_struct_oper_list.matrix[1][2]         0.0000000000 
_pdbx_struct_oper_list.matrix[1][3]         0.0000000000 
_pdbx_struct_oper_list.vector[1]            0.0000000000 
_pdbx_struct_oper_list.matrix[2][1]         0.0000000000 
_pdbx_struct_oper_list.matrix[2][2]         1.0000000000 
_pdbx_struct_oper_list.matrix[2][3]         0.0000000000 
_pdbx_struct_oper_list.vector[2]            0.0000000000 
_pdbx_struct_oper_list.matrix[3][1]         0.0000000000 
_pdbx_struct_oper_list.matrix[3][2]         0.0000000000 
_pdbx_struct_oper_list.matrix[3][3]         1.0000000000 
_pdbx_struct_oper_list.vector[3]            0.0000000000 
# 
_pdbx_struct_special_symmetry.id              1 
_pdbx_struct_special_symmetry.PDB_model_num   1 
_pdbx_struct_special_symmetry.auth_asym_id    B 
_pdbx_struct_special_symmetry.auth_comp_id    HOH 
_pdbx_struct_special_symmetry.auth_seq_id     23 
_pdbx_struct_special_symmetry.PDB_ins_code    ? 
_pdbx_struct_special_symmetry.label_asym_id   D 
_pdbx_struct_special_symmetry.label_comp_id   HOH 
_pdbx_struct_special_symmetry.label_seq_id    . 
# 
loop_
_pdbx_audit_revision_history.ordinal 
_pdbx_audit_revision_history.data_content_type 
_pdbx_audit_revision_history.major_revision 
_pdbx_audit_revision_history.minor_revision 
_pdbx_audit_revision_history.revision_date 
1 'Structure model' 1 0 2005-04-12 
2 'Structure model' 1 1 2008-04-29 
3 'Structure model' 1 2 2011-07-13 
4 'Structure model' 1 3 2017-10-11 
5 'Structure model' 1 4 2023-10-25 
# 
_pdbx_audit_revision_details.ordinal             1 
_pdbx_audit_revision_details.revision_ordinal    1 
_pdbx_audit_revision_details.data_content_type   'Structure model' 
_pdbx_audit_revision_details.provider            repository 
_pdbx_audit_revision_details.type                'Initial release' 
_pdbx_audit_revision_details.description         ? 
_pdbx_audit_revision_details.details             ? 
# 
loop_
_pdbx_audit_revision_group.ordinal 
_pdbx_audit_revision_group.revision_ordinal 
_pdbx_audit_revision_group.data_content_type 
_pdbx_audit_revision_group.group 
1 2 'Structure model' 'Version format compliance' 
2 3 'Structure model' 'Version format compliance' 
3 4 'Structure model' 'Refinement description'    
4 5 'Structure model' 'Data collection'           
5 5 'Structure model' 'Database references'       
6 5 'Structure model' 'Refinement description'    
# 
loop_
_pdbx_audit_revision_category.ordinal 
_pdbx_audit_revision_category.revision_ordinal 
_pdbx_audit_revision_category.data_content_type 
_pdbx_audit_revision_category.category 
1 4 'Structure model' software                      
2 5 'Structure model' chem_comp_atom                
3 5 'Structure model' chem_comp_bond                
4 5 'Structure model' database_2                    
5 5 'Structure model' diffrn_source                 
6 5 'Structure model' pdbx_initial_refinement_model 
7 5 'Structure model' struct_ref_seq_dif            
# 
loop_
_pdbx_audit_revision_item.ordinal 
_pdbx_audit_revision_item.revision_ordinal 
_pdbx_audit_revision_item.data_content_type 
_pdbx_audit_revision_item.item 
1 4 'Structure model' '_software.classification'             
2 4 'Structure model' '_software.name'                       
3 5 'Structure model' '_database_2.pdbx_DOI'                 
4 5 'Structure model' '_database_2.pdbx_database_accession'  
5 5 'Structure model' '_diffrn_source.pdbx_synchrotron_site' 
6 5 'Structure model' '_struct_ref_seq_dif.details'          
# 
loop_
_software.name 
_software.classification 
_software.version 
_software.citation_id 
_software.pdbx_ordinal 
REFMAC refinement        5.1.24 ? 1 
MAR345 'data collection' .      ? 2 
XDS    'data scaling'    .      ? 3 
AMoRE  phasing           .      ? 4 
# 
_pdbx_unobs_or_zero_occ_residues.id               1 
_pdbx_unobs_or_zero_occ_residues.PDB_model_num    1 
_pdbx_unobs_or_zero_occ_residues.polymer_flag     Y 
_pdbx_unobs_or_zero_occ_residues.occupancy_flag   1 
_pdbx_unobs_or_zero_occ_residues.auth_asym_id     B 
_pdbx_unobs_or_zero_occ_residues.auth_comp_id     GLU 
_pdbx_unobs_or_zero_occ_residues.auth_seq_id      1 
_pdbx_unobs_or_zero_occ_residues.PDB_ins_code     ? 
_pdbx_unobs_or_zero_occ_residues.label_asym_id    B 
_pdbx_unobs_or_zero_occ_residues.label_comp_id    GLU 
_pdbx_unobs_or_zero_occ_residues.label_seq_id     1 
# 
loop_
_chem_comp_atom.comp_id 
_chem_comp_atom.atom_id 
_chem_comp_atom.type_symbol 
_chem_comp_atom.pdbx_aromatic_flag 
_chem_comp_atom.pdbx_stereo_config 
_chem_comp_atom.pdbx_ordinal 
ALA N    N N N 1   
ALA CA   C N S 2   
ALA C    C N N 3   
ALA O    O N N 4   
ALA CB   C N N 5   
ALA OXT  O N N 6   
ALA H    H N N 7   
ALA H2   H N N 8   
ALA HA   H N N 9   
ALA HB1  H N N 10  
ALA HB2  H N N 11  
ALA HB3  H N N 12  
ALA HXT  H N N 13  
ARG N    N N N 14  
ARG CA   C N S 15  
ARG C    C N N 16  
ARG O    O N N 17  
ARG CB   C N N 18  
ARG CG   C N N 19  
ARG CD   C N N 20  
ARG NE   N N N 21  
ARG CZ   C N N 22  
ARG NH1  N N N 23  
ARG NH2  N N N 24  
ARG OXT  O N N 25  
ARG H    H N N 26  
ARG H2   H N N 27  
ARG HA   H N N 28  
ARG HB2  H N N 29  
ARG HB3  H N N 30  
ARG HG2  H N N 31  
ARG HG3  H N N 32  
ARG HD2  H N N 33  
ARG HD3  H N N 34  
ARG HE   H N N 35  
ARG HH11 H N N 36  
ARG HH12 H N N 37  
ARG HH21 H N N 38  
ARG HH22 H N N 39  
ARG HXT  H N N 40  
ASN N    N N N 41  
ASN CA   C N S 42  
ASN C    C N N 43  
ASN O    O N N 44  
ASN CB   C N N 45  
ASN CG   C N N 46  
ASN OD1  O N N 47  
ASN ND2  N N N 48  
ASN OXT  O N N 49  
ASN H    H N N 50  
ASN H2   H N N 51  
ASN HA   H N N 52  
ASN HB2  H N N 53  
ASN HB3  H N N 54  
ASN HD21 H N N 55  
ASN HD22 H N N 56  
ASN HXT  H N N 57  
ASP N    N N N 58  
ASP CA   C N S 59  
ASP C    C N N 60  
ASP O    O N N 61  
ASP CB   C N N 62  
ASP CG   C N N 63  
ASP OD1  O N N 64  
ASP OD2  O N N 65  
ASP OXT  O N N 66  
ASP H    H N N 67  
ASP H2   H N N 68  
ASP HA   H N N 69  
ASP HB2  H N N 70  
ASP HB3  H N N 71  
ASP HD2  H N N 72  
ASP HXT  H N N 73  
GLN N    N N N 74  
GLN CA   C N S 75  
GLN C    C N N 76  
GLN O    O N N 77  
GLN CB   C N N 78  
GLN CG   C N N 79  
GLN CD   C N N 80  
GLN OE1  O N N 81  
GLN NE2  N N N 82  
GLN OXT  O N N 83  
GLN H    H N N 84  
GLN H2   H N N 85  
GLN HA   H N N 86  
GLN HB2  H N N 87  
GLN HB3  H N N 88  
GLN HG2  H N N 89  
GLN HG3  H N N 90  
GLN HE21 H N N 91  
GLN HE22 H N N 92  
GLN HXT  H N N 93  
GLU N    N N N 94  
GLU CA   C N S 95  
GLU C    C N N 96  
GLU O    O N N 97  
GLU CB   C N N 98  
GLU CG   C N N 99  
GLU CD   C N N 100 
GLU OE1  O N N 101 
GLU OE2  O N N 102 
GLU OXT  O N N 103 
GLU H    H N N 104 
GLU H2   H N N 105 
GLU HA   H N N 106 
GLU HB2  H N N 107 
GLU HB3  H N N 108 
GLU HG2  H N N 109 
GLU HG3  H N N 110 
GLU HE2  H N N 111 
GLU HXT  H N N 112 
GLY N    N N N 113 
GLY CA   C N N 114 
GLY C    C N N 115 
GLY O    O N N 116 
GLY OXT  O N N 117 
GLY H    H N N 118 
GLY H2   H N N 119 
GLY HA2  H N N 120 
GLY HA3  H N N 121 
GLY HXT  H N N 122 
HOH O    O N N 123 
HOH H1   H N N 124 
HOH H2   H N N 125 
ILE N    N N N 126 
ILE CA   C N S 127 
ILE C    C N N 128 
ILE O    O N N 129 
ILE CB   C N S 130 
ILE CG1  C N N 131 
ILE CG2  C N N 132 
ILE CD1  C N N 133 
ILE OXT  O N N 134 
ILE H    H N N 135 
ILE H2   H N N 136 
ILE HA   H N N 137 
ILE HB   H N N 138 
ILE HG12 H N N 139 
ILE HG13 H N N 140 
ILE HG21 H N N 141 
ILE HG22 H N N 142 
ILE HG23 H N N 143 
ILE HD11 H N N 144 
ILE HD12 H N N 145 
ILE HD13 H N N 146 
ILE HXT  H N N 147 
LEU N    N N N 148 
LEU CA   C N S 149 
LEU C    C N N 150 
LEU O    O N N 151 
LEU CB   C N N 152 
LEU CG   C N N 153 
LEU CD1  C N N 154 
LEU CD2  C N N 155 
LEU OXT  O N N 156 
LEU H    H N N 157 
LEU H2   H N N 158 
LEU HA   H N N 159 
LEU HB2  H N N 160 
LEU HB3  H N N 161 
LEU HG   H N N 162 
LEU HD11 H N N 163 
LEU HD12 H N N 164 
LEU HD13 H N N 165 
LEU HD21 H N N 166 
LEU HD22 H N N 167 
LEU HD23 H N N 168 
LEU HXT  H N N 169 
LYS N    N N N 170 
LYS CA   C N S 171 
LYS C    C N N 172 
LYS O    O N N 173 
LYS CB   C N N 174 
LYS CG   C N N 175 
LYS CD   C N N 176 
LYS CE   C N N 177 
LYS NZ   N N N 178 
LYS OXT  O N N 179 
LYS H    H N N 180 
LYS H2   H N N 181 
LYS HA   H N N 182 
LYS HB2  H N N 183 
LYS HB3  H N N 184 
LYS HG2  H N N 185 
LYS HG3  H N N 186 
LYS HD2  H N N 187 
LYS HD3  H N N 188 
LYS HE2  H N N 189 
LYS HE3  H N N 190 
LYS HZ1  H N N 191 
LYS HZ2  H N N 192 
LYS HZ3  H N N 193 
LYS HXT  H N N 194 
MET N    N N N 195 
MET CA   C N S 196 
MET C    C N N 197 
MET O    O N N 198 
MET CB   C N N 199 
MET CG   C N N 200 
MET SD   S N N 201 
MET CE   C N N 202 
MET OXT  O N N 203 
MET H    H N N 204 
MET H2   H N N 205 
MET HA   H N N 206 
MET HB2  H N N 207 
MET HB3  H N N 208 
MET HG2  H N N 209 
MET HG3  H N N 210 
MET HE1  H N N 211 
MET HE2  H N N 212 
MET HE3  H N N 213 
MET HXT  H N N 214 
PHE N    N N N 215 
PHE CA   C N S 216 
PHE C    C N N 217 
PHE O    O N N 218 
PHE CB   C N N 219 
PHE CG   C Y N 220 
PHE CD1  C Y N 221 
PHE CD2  C Y N 222 
PHE CE1  C Y N 223 
PHE CE2  C Y N 224 
PHE CZ   C Y N 225 
PHE OXT  O N N 226 
PHE H    H N N 227 
PHE H2   H N N 228 
PHE HA   H N N 229 
PHE HB2  H N N 230 
PHE HB3  H N N 231 
PHE HD1  H N N 232 
PHE HD2  H N N 233 
PHE HE1  H N N 234 
PHE HE2  H N N 235 
PHE HZ   H N N 236 
PHE HXT  H N N 237 
PRO N    N N N 238 
PRO CA   C N S 239 
PRO C    C N N 240 
PRO O    O N N 241 
PRO CB   C N N 242 
PRO CG   C N N 243 
PRO CD   C N N 244 
PRO OXT  O N N 245 
PRO H    H N N 246 
PRO HA   H N N 247 
PRO HB2  H N N 248 
PRO HB3  H N N 249 
PRO HG2  H N N 250 
PRO HG3  H N N 251 
PRO HD2  H N N 252 
PRO HD3  H N N 253 
PRO HXT  H N N 254 
SER N    N N N 255 
SER CA   C N S 256 
SER C    C N N 257 
SER O    O N N 258 
SER CB   C N N 259 
SER OG   O N N 260 
SER OXT  O N N 261 
SER H    H N N 262 
SER H2   H N N 263 
SER HA   H N N 264 
SER HB2  H N N 265 
SER HB3  H N N 266 
SER HG   H N N 267 
SER HXT  H N N 268 
THR N    N N N 269 
THR CA   C N S 270 
THR C    C N N 271 
THR O    O N N 272 
THR CB   C N R 273 
THR OG1  O N N 274 
THR CG2  C N N 275 
THR OXT  O N N 276 
THR H    H N N 277 
THR H2   H N N 278 
THR HA   H N N 279 
THR HB   H N N 280 
THR HG1  H N N 281 
THR HG21 H N N 282 
THR HG22 H N N 283 
THR HG23 H N N 284 
THR HXT  H N N 285 
TRP N    N N N 286 
TRP CA   C N S 287 
TRP C    C N N 288 
TRP O    O N N 289 
TRP CB   C N N 290 
TRP CG   C Y N 291 
TRP CD1  C Y N 292 
TRP CD2  C Y N 293 
TRP NE1  N Y N 294 
TRP CE2  C Y N 295 
TRP CE3  C Y N 296 
TRP CZ2  C Y N 297 
TRP CZ3  C Y N 298 
TRP CH2  C Y N 299 
TRP OXT  O N N 300 
TRP H    H N N 301 
TRP H2   H N N 302 
TRP HA   H N N 303 
TRP HB2  H N N 304 
TRP HB3  H N N 305 
TRP HD1  H N N 306 
TRP HE1  H N N 307 
TRP HE3  H N N 308 
TRP HZ2  H N N 309 
TRP HZ3  H N N 310 
TRP HH2  H N N 311 
TRP HXT  H N N 312 
TYR N    N N N 313 
TYR CA   C N S 314 
TYR C    C N N 315 
TYR O    O N N 316 
TYR CB   C N N 317 
TYR CG   C Y N 318 
TYR CD1  C Y N 319 
TYR CD2  C Y N 320 
TYR CE1  C Y N 321 
TYR CE2  C Y N 322 
TYR CZ   C Y N 323 
TYR OH   O N N 324 
TYR OXT  O N N 325 
TYR H    H N N 326 
TYR H2   H N N 327 
TYR HA   H N N 328 
TYR HB2  H N N 329 
TYR HB3  H N N 330 
TYR HD1  H N N 331 
TYR HD2  H N N 332 
TYR HE1  H N N 333 
TYR HE2  H N N 334 
TYR HH   H N N 335 
TYR HXT  H N N 336 
VAL N    N N N 337 
VAL CA   C N S 338 
VAL C    C N N 339 
VAL O    O N N 340 
VAL CB   C N N 341 
VAL CG1  C N N 342 
VAL CG2  C N N 343 
VAL OXT  O N N 344 
VAL H    H N N 345 
VAL H2   H N N 346 
VAL HA   H N N 347 
VAL HB   H N N 348 
VAL HG11 H N N 349 
VAL HG12 H N N 350 
VAL HG13 H N N 351 
VAL HG21 H N N 352 
VAL HG22 H N N 353 
VAL HG23 H N N 354 
VAL HXT  H N N 355 
# 
loop_
_chem_comp_bond.comp_id 
_chem_comp_bond.atom_id_1 
_chem_comp_bond.atom_id_2 
_chem_comp_bond.value_order 
_chem_comp_bond.pdbx_aromatic_flag 
_chem_comp_bond.pdbx_stereo_config 
_chem_comp_bond.pdbx_ordinal 
ALA N   CA   sing N N 1   
ALA N   H    sing N N 2   
ALA N   H2   sing N N 3   
ALA CA  C    sing N N 4   
ALA CA  CB   sing N N 5   
ALA CA  HA   sing N N 6   
ALA C   O    doub N N 7   
ALA C   OXT  sing N N 8   
ALA CB  HB1  sing N N 9   
ALA CB  HB2  sing N N 10  
ALA CB  HB3  sing N N 11  
ALA OXT HXT  sing N N 12  
ARG N   CA   sing N N 13  
ARG N   H    sing N N 14  
ARG N   H2   sing N N 15  
ARG CA  C    sing N N 16  
ARG CA  CB   sing N N 17  
ARG CA  HA   sing N N 18  
ARG C   O    doub N N 19  
ARG C   OXT  sing N N 20  
ARG CB  CG   sing N N 21  
ARG CB  HB2  sing N N 22  
ARG CB  HB3  sing N N 23  
ARG CG  CD   sing N N 24  
ARG CG  HG2  sing N N 25  
ARG CG  HG3  sing N N 26  
ARG CD  NE   sing N N 27  
ARG CD  HD2  sing N N 28  
ARG CD  HD3  sing N N 29  
ARG NE  CZ   sing N N 30  
ARG NE  HE   sing N N 31  
ARG CZ  NH1  sing N N 32  
ARG CZ  NH2  doub N N 33  
ARG NH1 HH11 sing N N 34  
ARG NH1 HH12 sing N N 35  
ARG NH2 HH21 sing N N 36  
ARG NH2 HH22 sing N N 37  
ARG OXT HXT  sing N N 38  
ASN N   CA   sing N N 39  
ASN N   H    sing N N 40  
ASN N   H2   sing N N 41  
ASN CA  C    sing N N 42  
ASN CA  CB   sing N N 43  
ASN CA  HA   sing N N 44  
ASN C   O    doub N N 45  
ASN C   OXT  sing N N 46  
ASN CB  CG   sing N N 47  
ASN CB  HB2  sing N N 48  
ASN CB  HB3  sing N N 49  
ASN CG  OD1  doub N N 50  
ASN CG  ND2  sing N N 51  
ASN ND2 HD21 sing N N 52  
ASN ND2 HD22 sing N N 53  
ASN OXT HXT  sing N N 54  
ASP N   CA   sing N N 55  
ASP N   H    sing N N 56  
ASP N   H2   sing N N 57  
ASP CA  C    sing N N 58  
ASP CA  CB   sing N N 59  
ASP CA  HA   sing N N 60  
ASP C   O    doub N N 61  
ASP C   OXT  sing N N 62  
ASP CB  CG   sing N N 63  
ASP CB  HB2  sing N N 64  
ASP CB  HB3  sing N N 65  
ASP CG  OD1  doub N N 66  
ASP CG  OD2  sing N N 67  
ASP OD2 HD2  sing N N 68  
ASP OXT HXT  sing N N 69  
GLN N   CA   sing N N 70  
GLN N   H    sing N N 71  
GLN N   H2   sing N N 72  
GLN CA  C    sing N N 73  
GLN CA  CB   sing N N 74  
GLN CA  HA   sing N N 75  
GLN C   O    doub N N 76  
GLN C   OXT  sing N N 77  
GLN CB  CG   sing N N 78  
GLN CB  HB2  sing N N 79  
GLN CB  HB3  sing N N 80  
GLN CG  CD   sing N N 81  
GLN CG  HG2  sing N N 82  
GLN CG  HG3  sing N N 83  
GLN CD  OE1  doub N N 84  
GLN CD  NE2  sing N N 85  
GLN NE2 HE21 sing N N 86  
GLN NE2 HE22 sing N N 87  
GLN OXT HXT  sing N N 88  
GLU N   CA   sing N N 89  
GLU N   H    sing N N 90  
GLU N   H2   sing N N 91  
GLU CA  C    sing N N 92  
GLU CA  CB   sing N N 93  
GLU CA  HA   sing N N 94  
GLU C   O    doub N N 95  
GLU C   OXT  sing N N 96  
GLU CB  CG   sing N N 97  
GLU CB  HB2  sing N N 98  
GLU CB  HB3  sing N N 99  
GLU CG  CD   sing N N 100 
GLU CG  HG2  sing N N 101 
GLU CG  HG3  sing N N 102 
GLU CD  OE1  doub N N 103 
GLU CD  OE2  sing N N 104 
GLU OE2 HE2  sing N N 105 
GLU OXT HXT  sing N N 106 
GLY N   CA   sing N N 107 
GLY N   H    sing N N 108 
GLY N   H2   sing N N 109 
GLY CA  C    sing N N 110 
GLY CA  HA2  sing N N 111 
GLY CA  HA3  sing N N 112 
GLY C   O    doub N N 113 
GLY C   OXT  sing N N 114 
GLY OXT HXT  sing N N 115 
HOH O   H1   sing N N 116 
HOH O   H2   sing N N 117 
ILE N   CA   sing N N 118 
ILE N   H    sing N N 119 
ILE N   H2   sing N N 120 
ILE CA  C    sing N N 121 
ILE CA  CB   sing N N 122 
ILE CA  HA   sing N N 123 
ILE C   O    doub N N 124 
ILE C   OXT  sing N N 125 
ILE CB  CG1  sing N N 126 
ILE CB  CG2  sing N N 127 
ILE CB  HB   sing N N 128 
ILE CG1 CD1  sing N N 129 
ILE CG1 HG12 sing N N 130 
ILE CG1 HG13 sing N N 131 
ILE CG2 HG21 sing N N 132 
ILE CG2 HG22 sing N N 133 
ILE CG2 HG23 sing N N 134 
ILE CD1 HD11 sing N N 135 
ILE CD1 HD12 sing N N 136 
ILE CD1 HD13 sing N N 137 
ILE OXT HXT  sing N N 138 
LEU N   CA   sing N N 139 
LEU N   H    sing N N 140 
LEU N   H2   sing N N 141 
LEU CA  C    sing N N 142 
LEU CA  CB   sing N N 143 
LEU CA  HA   sing N N 144 
LEU C   O    doub N N 145 
LEU C   OXT  sing N N 146 
LEU CB  CG   sing N N 147 
LEU CB  HB2  sing N N 148 
LEU CB  HB3  sing N N 149 
LEU CG  CD1  sing N N 150 
LEU CG  CD2  sing N N 151 
LEU CG  HG   sing N N 152 
LEU CD1 HD11 sing N N 153 
LEU CD1 HD12 sing N N 154 
LEU CD1 HD13 sing N N 155 
LEU CD2 HD21 sing N N 156 
LEU CD2 HD22 sing N N 157 
LEU CD2 HD23 sing N N 158 
LEU OXT HXT  sing N N 159 
LYS N   CA   sing N N 160 
LYS N   H    sing N N 161 
LYS N   H2   sing N N 162 
LYS CA  C    sing N N 163 
LYS CA  CB   sing N N 164 
LYS CA  HA   sing N N 165 
LYS C   O    doub N N 166 
LYS C   OXT  sing N N 167 
LYS CB  CG   sing N N 168 
LYS CB  HB2  sing N N 169 
LYS CB  HB3  sing N N 170 
LYS CG  CD   sing N N 171 
LYS CG  HG2  sing N N 172 
LYS CG  HG3  sing N N 173 
LYS CD  CE   sing N N 174 
LYS CD  HD2  sing N N 175 
LYS CD  HD3  sing N N 176 
LYS CE  NZ   sing N N 177 
LYS CE  HE2  sing N N 178 
LYS CE  HE3  sing N N 179 
LYS NZ  HZ1  sing N N 180 
LYS NZ  HZ2  sing N N 181 
LYS NZ  HZ3  sing N N 182 
LYS OXT HXT  sing N N 183 
MET N   CA   sing N N 184 
MET N   H    sing N N 185 
MET N   H2   sing N N 186 
MET CA  C    sing N N 187 
MET CA  CB   sing N N 188 
MET CA  HA   sing N N 189 
MET C   O    doub N N 190 
MET C   OXT  sing N N 191 
MET CB  CG   sing N N 192 
MET CB  HB2  sing N N 193 
MET CB  HB3  sing N N 194 
MET CG  SD   sing N N 195 
MET CG  HG2  sing N N 196 
MET CG  HG3  sing N N 197 
MET SD  CE   sing N N 198 
MET CE  HE1  sing N N 199 
MET CE  HE2  sing N N 200 
MET CE  HE3  sing N N 201 
MET OXT HXT  sing N N 202 
PHE N   CA   sing N N 203 
PHE N   H    sing N N 204 
PHE N   H2   sing N N 205 
PHE CA  C    sing N N 206 
PHE CA  CB   sing N N 207 
PHE CA  HA   sing N N 208 
PHE C   O    doub N N 209 
PHE C   OXT  sing N N 210 
PHE CB  CG   sing N N 211 
PHE CB  HB2  sing N N 212 
PHE CB  HB3  sing N N 213 
PHE CG  CD1  doub Y N 214 
PHE CG  CD2  sing Y N 215 
PHE CD1 CE1  sing Y N 216 
PHE CD1 HD1  sing N N 217 
PHE CD2 CE2  doub Y N 218 
PHE CD2 HD2  sing N N 219 
PHE CE1 CZ   doub Y N 220 
PHE CE1 HE1  sing N N 221 
PHE CE2 CZ   sing Y N 222 
PHE CE2 HE2  sing N N 223 
PHE CZ  HZ   sing N N 224 
PHE OXT HXT  sing N N 225 
PRO N   CA   sing N N 226 
PRO N   CD   sing N N 227 
PRO N   H    sing N N 228 
PRO CA  C    sing N N 229 
PRO CA  CB   sing N N 230 
PRO CA  HA   sing N N 231 
PRO C   O    doub N N 232 
PRO C   OXT  sing N N 233 
PRO CB  CG   sing N N 234 
PRO CB  HB2  sing N N 235 
PRO CB  HB3  sing N N 236 
PRO CG  CD   sing N N 237 
PRO CG  HG2  sing N N 238 
PRO CG  HG3  sing N N 239 
PRO CD  HD2  sing N N 240 
PRO CD  HD3  sing N N 241 
PRO OXT HXT  sing N N 242 
SER N   CA   sing N N 243 
SER N   H    sing N N 244 
SER N   H2   sing N N 245 
SER CA  C    sing N N 246 
SER CA  CB   sing N N 247 
SER CA  HA   sing N N 248 
SER C   O    doub N N 249 
SER C   OXT  sing N N 250 
SER CB  OG   sing N N 251 
SER CB  HB2  sing N N 252 
SER CB  HB3  sing N N 253 
SER OG  HG   sing N N 254 
SER OXT HXT  sing N N 255 
THR N   CA   sing N N 256 
THR N   H    sing N N 257 
THR N   H2   sing N N 258 
THR CA  C    sing N N 259 
THR CA  CB   sing N N 260 
THR CA  HA   sing N N 261 
THR C   O    doub N N 262 
THR C   OXT  sing N N 263 
THR CB  OG1  sing N N 264 
THR CB  CG2  sing N N 265 
THR CB  HB   sing N N 266 
THR OG1 HG1  sing N N 267 
THR CG2 HG21 sing N N 268 
THR CG2 HG22 sing N N 269 
THR CG2 HG23 sing N N 270 
THR OXT HXT  sing N N 271 
TRP N   CA   sing N N 272 
TRP N   H    sing N N 273 
TRP N   H2   sing N N 274 
TRP CA  C    sing N N 275 
TRP CA  CB   sing N N 276 
TRP CA  HA   sing N N 277 
TRP C   O    doub N N 278 
TRP C   OXT  sing N N 279 
TRP CB  CG   sing N N 280 
TRP CB  HB2  sing N N 281 
TRP CB  HB3  sing N N 282 
TRP CG  CD1  doub Y N 283 
TRP CG  CD2  sing Y N 284 
TRP CD1 NE1  sing Y N 285 
TRP CD1 HD1  sing N N 286 
TRP CD2 CE2  doub Y N 287 
TRP CD2 CE3  sing Y N 288 
TRP NE1 CE2  sing Y N 289 
TRP NE1 HE1  sing N N 290 
TRP CE2 CZ2  sing Y N 291 
TRP CE3 CZ3  doub Y N 292 
TRP CE3 HE3  sing N N 293 
TRP CZ2 CH2  doub Y N 294 
TRP CZ2 HZ2  sing N N 295 
TRP CZ3 CH2  sing Y N 296 
TRP CZ3 HZ3  sing N N 297 
TRP CH2 HH2  sing N N 298 
TRP OXT HXT  sing N N 299 
TYR N   CA   sing N N 300 
TYR N   H    sing N N 301 
TYR N   H2   sing N N 302 
TYR CA  C    sing N N 303 
TYR CA  CB   sing N N 304 
TYR CA  HA   sing N N 305 
TYR C   O    doub N N 306 
TYR C   OXT  sing N N 307 
TYR CB  CG   sing N N 308 
TYR CB  HB2  sing N N 309 
TYR CB  HB3  sing N N 310 
TYR CG  CD1  doub Y N 311 
TYR CG  CD2  sing Y N 312 
TYR CD1 CE1  sing Y N 313 
TYR CD1 HD1  sing N N 314 
TYR CD2 CE2  doub Y N 315 
TYR CD2 HD2  sing N N 316 
TYR CE1 CZ   doub Y N 317 
TYR CE1 HE1  sing N N 318 
TYR CE2 CZ   sing Y N 319 
TYR CE2 HE2  sing N N 320 
TYR CZ  OH   sing N N 321 
TYR OH  HH   sing N N 322 
TYR OXT HXT  sing N N 323 
VAL N   CA   sing N N 324 
VAL N   H    sing N N 325 
VAL N   H2   sing N N 326 
VAL CA  C    sing N N 327 
VAL CA  CB   sing N N 328 
VAL CA  HA   sing N N 329 
VAL C   O    doub N N 330 
VAL C   OXT  sing N N 331 
VAL CB  CG1  sing N N 332 
VAL CB  CG2  sing N N 333 
VAL CB  HB   sing N N 334 
VAL CG1 HG11 sing N N 335 
VAL CG1 HG12 sing N N 336 
VAL CG1 HG13 sing N N 337 
VAL CG2 HG21 sing N N 338 
VAL CG2 HG22 sing N N 339 
VAL CG2 HG23 sing N N 340 
VAL OXT HXT  sing N N 341 
# 
_pdbx_entity_nonpoly.entity_id   3 
_pdbx_entity_nonpoly.name        water 
_pdbx_entity_nonpoly.comp_id     HOH 
# 
_pdbx_initial_refinement_model.id               1 
_pdbx_initial_refinement_model.entity_id_list   ? 
_pdbx_initial_refinement_model.type             'experimental model' 
_pdbx_initial_refinement_model.source_name      PDB 
_pdbx_initial_refinement_model.accession_code   1OOT 
_pdbx_initial_refinement_model.details          ? 
# 
